data_5F7R
#
_entry.id   5F7R
#
_cell.length_a   57.200
_cell.length_b   95.064
_cell.length_c   117.144
_cell.angle_alpha   90.00
_cell.angle_beta   90.00
_cell.angle_gamma   90.00
#
_symmetry.space_group_name_H-M   'P 21 21 21'
#
loop_
_entity.id
_entity.type
_entity.pdbx_description
1 polymer 'Lmo0178 protein'
2 branched alpha-D-glucopyranose-(1-6)-alpha-D-glucopyranose
3 non-polymer 'ZINC ION'
4 non-polymer 'CHLORIDE ION'
5 non-polymer 'PHOSPHATE ION'
6 non-polymer DI(HYDROXYETHYL)ETHER
7 water water
#
_entity_poly.entity_id   1
_entity_poly.type   'polypeptide(L)'
_entity_poly.pdbx_seq_one_letter_code
;MDILRKGNKDLIKDINRYTVLNLIREKGEITRTEIAKKCDFGMSTLTYILDDLQQEGIILEGAETSSTGGRRAKLVRFNK
DYGFVVSVKVEEEQLLFALTDLNAEIIENTSIPFSSEKKPEEAIELIAKNVKKMCGNRDMNHLLGVGIAISGLVNRKKGT
VIRSTMLGWENVALEAMLHAHFPDIPVYVDKNINCYTLAELWLGEGKQSNNFATVSVGAGLGLSVVINRQIYYGAQGGAG
EFGHTTIQPGGYKCHCGQKGCLEMYASEFYFRNRGEELKEAYPTSELNDFHFDKVAKSARAGDEMATELMGKMGEYLGYG
IRNIINTFNPEKVIIVGEGLHHRDLFLTKIDEIASQNFFSGAGFETEITTTSLEDPAWLQGAALLVIHQLFQVPIYEEEQ
TLLR
;
_entity_poly.pdbx_strand_id   E,A
#
loop_
_chem_comp.id
_chem_comp.type
_chem_comp.name
_chem_comp.formula
CL non-polymer 'CHLORIDE ION' 'Cl -1'
GLC D-saccharide, alpha linking alpha-D-glucopyranose 'C6 H12 O6'
PEG non-polymer DI(HYDROXYETHYL)ETHER 'C4 H10 O3'
PO4 non-polymer 'PHOSPHATE ION' 'O4 P -3'
ZN non-polymer 'ZINC ION' 'Zn 2'
#
# COMPACT_ATOMS: atom_id res chain seq x y z
N GLY A 83 -11.05 -33.68 21.42
CA GLY A 83 -11.01 -32.22 21.14
C GLY A 83 -10.16 -31.86 19.94
N PHE A 84 -10.81 -31.56 18.82
CA PHE A 84 -10.07 -31.28 17.62
C PHE A 84 -10.77 -30.30 16.67
N VAL A 85 -9.98 -29.78 15.73
CA VAL A 85 -10.43 -28.84 14.73
C VAL A 85 -10.03 -29.39 13.37
N VAL A 86 -10.83 -29.11 12.34
CA VAL A 86 -10.50 -29.50 10.97
C VAL A 86 -10.35 -28.20 10.20
N SER A 87 -9.28 -28.13 9.43
CA SER A 87 -9.06 -26.96 8.60
C SER A 87 -8.90 -27.40 7.16
N VAL A 88 -9.20 -26.45 6.27
CA VAL A 88 -9.27 -26.69 4.84
C VAL A 88 -8.59 -25.51 4.15
N LYS A 89 -7.80 -25.79 3.13
CA LYS A 89 -7.30 -24.74 2.24
C LYS A 89 -7.80 -25.04 0.84
N VAL A 90 -8.54 -24.10 0.28
CA VAL A 90 -9.08 -24.26 -1.06
C VAL A 90 -8.08 -23.61 -2.02
N GLU A 91 -7.25 -24.43 -2.66
CA GLU A 91 -6.40 -23.98 -3.75
C GLU A 91 -7.12 -24.20 -5.07
N GLU A 92 -6.51 -23.82 -6.17
CA GLU A 92 -7.25 -23.80 -7.41
C GLU A 92 -7.32 -25.20 -8.02
N GLU A 93 -6.29 -25.99 -7.78
CA GLU A 93 -6.16 -27.33 -8.36
C GLU A 93 -6.19 -28.46 -7.33
N GLN A 94 -6.35 -28.13 -6.06
N GLN A 94 -6.24 -28.12 -6.04
CA GLN A 94 -6.42 -29.17 -5.02
CA GLN A 94 -6.37 -29.11 -4.97
C GLN A 94 -7.03 -28.59 -3.76
C GLN A 94 -7.19 -28.55 -3.83
N LEU A 95 -7.69 -29.45 -2.99
CA LEU A 95 -8.19 -29.10 -1.67
C LEU A 95 -7.28 -29.77 -0.64
N LEU A 96 -6.81 -28.99 0.32
CA LEU A 96 -5.97 -29.49 1.41
C LEU A 96 -6.79 -29.57 2.68
N PHE A 97 -6.53 -30.60 3.48
CA PHE A 97 -7.23 -30.81 4.76
C PHE A 97 -6.26 -31.07 5.89
N ALA A 98 -6.61 -30.61 7.08
CA ALA A 98 -5.89 -31.06 8.26
C ALA A 98 -6.82 -31.23 9.45
N LEU A 99 -6.41 -32.15 10.31
CA LEU A 99 -7.00 -32.32 11.61
C LEU A 99 -5.93 -31.84 12.57
N THR A 100 -6.28 -30.90 13.45
CA THR A 100 -5.32 -30.36 14.42
C THR A 100 -5.88 -30.50 15.81
N ASP A 101 -5.01 -30.36 16.80
CA ASP A 101 -5.46 -30.29 18.17
C ASP A 101 -5.75 -28.83 18.50
N LEU A 102 -5.99 -28.55 19.77
CA LEU A 102 -6.35 -27.20 20.19
C LEU A 102 -5.18 -26.20 20.29
N ASN A 103 -3.94 -26.67 20.03
CA ASN A 103 -2.80 -25.77 19.79
C ASN A 103 -2.43 -25.68 18.31
N ALA A 104 -3.32 -26.13 17.43
CA ALA A 104 -3.08 -26.09 15.99
C ALA A 104 -1.89 -26.95 15.58
N GLU A 105 -1.55 -27.95 16.39
CA GLU A 105 -0.57 -28.94 15.99
C GLU A 105 -1.28 -29.92 15.08
N ILE A 106 -0.68 -30.20 13.94
CA ILE A 106 -1.30 -31.06 12.94
C ILE A 106 -1.23 -32.51 13.40
N ILE A 107 -2.37 -33.19 13.40
CA ILE A 107 -2.43 -34.61 13.67
C ILE A 107 -2.44 -35.40 12.36
N GLU A 108 -3.21 -34.93 11.39
CA GLU A 108 -3.28 -35.59 10.08
C GLU A 108 -3.43 -34.49 9.04
N ASN A 109 -2.84 -34.65 7.86
CA ASN A 109 -3.12 -33.76 6.72
C ASN A 109 -3.04 -34.44 5.36
N THR A 110 -3.93 -34.01 4.46
CA THR A 110 -4.14 -34.68 3.18
C THR A 110 -4.34 -33.64 2.11
N SER A 111 -4.29 -34.09 0.86
CA SER A 111 -4.45 -33.24 -0.30
C SER A 111 -5.29 -34.01 -1.31
N ILE A 112 -6.34 -33.40 -1.83
CA ILE A 112 -7.23 -34.03 -2.79
C ILE A 112 -7.16 -33.25 -4.08
N PRO A 113 -6.73 -33.91 -5.18
CA PRO A 113 -6.67 -33.20 -6.46
C PRO A 113 -8.07 -32.88 -6.97
N PHE A 114 -8.34 -31.62 -7.24
CA PHE A 114 -9.65 -31.20 -7.72
C PHE A 114 -9.58 -29.79 -8.27
N SER A 115 -10.16 -29.54 -9.43
CA SER A 115 -10.23 -28.17 -9.94
C SER A 115 -11.52 -27.52 -9.49
N SER A 116 -11.41 -26.56 -8.58
CA SER A 116 -12.58 -25.91 -8.02
C SER A 116 -13.10 -24.78 -8.93
N GLU A 117 -12.34 -24.47 -10.01
CA GLU A 117 -12.67 -23.38 -10.91
C GLU A 117 -14.13 -23.50 -11.40
N LYS A 118 -14.96 -22.51 -11.03
CA LYS A 118 -16.37 -22.45 -11.40
C LYS A 118 -17.22 -23.59 -10.86
N LYS A 119 -16.72 -24.32 -9.86
CA LYS A 119 -17.40 -25.51 -9.34
C LYS A 119 -17.56 -25.49 -7.81
N PRO A 120 -18.14 -24.41 -7.26
CA PRO A 120 -18.24 -24.34 -5.80
C PRO A 120 -19.07 -25.44 -5.16
N GLU A 121 -20.17 -25.83 -5.81
CA GLU A 121 -21.07 -26.79 -5.18
C GLU A 121 -20.36 -28.13 -5.04
N GLU A 122 -19.71 -28.54 -6.12
CA GLU A 122 -18.99 -29.80 -6.12
C GLU A 122 -17.80 -29.77 -5.16
N ALA A 123 -17.10 -28.64 -5.12
CA ALA A 123 -15.97 -28.48 -4.20
C ALA A 123 -16.43 -28.60 -2.75
N ILE A 124 -17.55 -27.96 -2.44
CA ILE A 124 -18.02 -27.97 -1.07
C ILE A 124 -18.54 -29.35 -0.63
N GLU A 125 -19.13 -30.10 -1.57
CA GLU A 125 -19.48 -31.51 -1.30
C GLU A 125 -18.24 -32.35 -1.02
N LEU A 126 -17.20 -32.14 -1.81
CA LEU A 126 -15.91 -32.80 -1.55
C LEU A 126 -15.31 -32.43 -0.19
N ILE A 127 -15.39 -31.15 0.16
CA ILE A 127 -14.94 -30.70 1.47
C ILE A 127 -15.73 -31.42 2.57
N ALA A 128 -17.05 -31.46 2.46
CA ALA A 128 -17.87 -32.11 3.49
C ALA A 128 -17.48 -33.59 3.61
N LYS A 129 -17.37 -34.26 2.47
CA LYS A 129 -16.99 -35.66 2.43
C LYS A 129 -15.63 -35.90 3.11
N ASN A 130 -14.68 -35.02 2.84
CA ASN A 130 -13.33 -35.20 3.39
C ASN A 130 -13.18 -34.77 4.83
N VAL A 131 -14.01 -33.82 5.26
CA VAL A 131 -14.04 -33.49 6.67
C VAL A 131 -14.59 -34.68 7.44
N LYS A 132 -15.71 -35.23 6.98
CA LYS A 132 -16.33 -36.39 7.62
C LYS A 132 -15.33 -37.56 7.68
N LYS A 133 -14.62 -37.79 6.58
CA LYS A 133 -13.61 -38.85 6.50
C LYS A 133 -12.55 -38.72 7.59
N MET A 134 -12.08 -37.50 7.86
CA MET A 134 -11.02 -37.29 8.84
C MET A 134 -11.46 -37.46 10.28
N CYS A 135 -12.70 -37.08 10.59
CA CYS A 135 -13.22 -37.22 11.95
C CYS A 135 -13.32 -38.69 12.34
N ASN A 141 -18.07 -36.10 16.65
CA ASN A 141 -18.79 -35.61 17.80
C ASN A 141 -18.06 -34.47 18.50
N HIS A 142 -16.75 -34.60 18.64
CA HIS A 142 -15.92 -33.63 19.35
C HIS A 142 -15.10 -32.80 18.38
N LEU A 143 -15.64 -32.65 17.18
CA LEU A 143 -15.20 -31.67 16.20
C LEU A 143 -15.71 -30.30 16.65
N LEU A 144 -14.81 -29.44 17.09
CA LEU A 144 -15.19 -28.15 17.66
C LEU A 144 -15.36 -27.06 16.62
N GLY A 145 -14.90 -27.30 15.40
CA GLY A 145 -15.11 -26.36 14.31
C GLY A 145 -14.30 -26.66 13.08
N VAL A 146 -14.62 -25.94 12.02
CA VAL A 146 -13.93 -26.07 10.76
C VAL A 146 -13.46 -24.68 10.33
N GLY A 147 -12.17 -24.55 10.04
CA GLY A 147 -11.60 -23.30 9.54
C GLY A 147 -11.20 -23.43 8.07
N ILE A 148 -11.52 -22.41 7.27
CA ILE A 148 -11.27 -22.49 5.82
C ILE A 148 -10.49 -21.27 5.33
N ALA A 149 -9.35 -21.56 4.72
CA ALA A 149 -8.50 -20.60 4.02
C ALA A 149 -8.84 -20.62 2.54
N ILE A 150 -9.07 -19.45 1.96
CA ILE A 150 -9.46 -19.38 0.56
C ILE A 150 -9.03 -18.07 -0.06
N SER A 151 -8.91 -18.07 -1.38
CA SER A 151 -8.57 -16.86 -2.13
C SER A 151 -9.76 -15.89 -2.23
N GLY A 152 -9.48 -14.60 -2.31
CA GLY A 152 -10.49 -13.64 -2.72
C GLY A 152 -11.08 -12.84 -1.58
N LEU A 153 -12.14 -12.12 -1.92
CA LEU A 153 -12.89 -11.30 -0.96
C LEU A 153 -13.87 -12.20 -0.19
N VAL A 154 -13.69 -12.24 1.12
CA VAL A 154 -14.48 -13.06 2.01
C VAL A 154 -15.30 -12.15 2.93
N ASN A 155 -16.52 -12.55 3.25
CA ASN A 155 -17.25 -11.93 4.37
C ASN A 155 -17.17 -12.86 5.57
N ARG A 156 -16.26 -12.53 6.48
CA ARG A 156 -15.92 -13.43 7.57
C ARG A 156 -17.07 -13.54 8.56
N LYS A 157 -17.88 -12.50 8.66
CA LYS A 157 -19.03 -12.52 9.54
C LYS A 157 -20.05 -13.57 9.08
N LYS A 158 -20.37 -13.59 7.79
CA LYS A 158 -21.40 -14.50 7.24
C LYS A 158 -20.83 -15.82 6.73
N GLY A 159 -19.52 -15.94 6.67
CA GLY A 159 -18.87 -17.13 6.13
C GLY A 159 -19.09 -17.29 4.64
N THR A 160 -19.06 -16.19 3.89
CA THR A 160 -19.27 -16.26 2.43
C THR A 160 -18.04 -15.88 1.65
N VAL A 161 -17.93 -16.45 0.45
CA VAL A 161 -16.95 -16.04 -0.53
C VAL A 161 -17.63 -15.10 -1.48
N ILE A 162 -17.38 -13.80 -1.31
CA ILE A 162 -18.04 -12.80 -2.13
C ILE A 162 -17.52 -12.85 -3.56
N ARG A 163 -16.19 -12.81 -3.72
CA ARG A 163 -15.59 -12.77 -5.04
C ARG A 163 -14.18 -13.37 -4.99
N SER A 164 -14.02 -14.57 -5.54
CA SER A 164 -12.68 -15.11 -5.81
C SER A 164 -12.51 -15.27 -7.31
N THR A 165 -11.75 -14.35 -7.89
CA THR A 165 -11.45 -14.47 -9.31
C THR A 165 -10.41 -15.56 -9.55
N MET A 166 -9.69 -15.98 -8.51
CA MET A 166 -8.80 -17.15 -8.65
C MET A 166 -9.62 -18.40 -8.97
N LEU A 167 -10.79 -18.50 -8.34
CA LEU A 167 -11.63 -19.68 -8.46
C LEU A 167 -12.83 -19.50 -9.34
N GLY A 168 -13.11 -18.27 -9.77
CA GLY A 168 -14.37 -17.99 -10.42
C GLY A 168 -15.59 -18.29 -9.57
N TRP A 169 -15.50 -17.98 -8.27
CA TRP A 169 -16.60 -18.11 -7.32
C TRP A 169 -17.21 -16.74 -7.02
N GLU A 170 -18.54 -16.68 -7.11
CA GLU A 170 -19.32 -15.44 -6.96
C GLU A 170 -20.36 -15.71 -5.87
N ASN A 171 -20.27 -15.03 -4.73
CA ASN A 171 -21.29 -15.09 -3.65
C ASN A 171 -21.68 -16.48 -3.18
N VAL A 172 -20.66 -17.22 -2.75
CA VAL A 172 -20.77 -18.62 -2.34
C VAL A 172 -20.97 -18.68 -0.83
N ALA A 173 -22.13 -19.23 -0.43
CA ALA A 173 -22.51 -19.36 0.98
C ALA A 173 -21.85 -20.58 1.61
N LEU A 174 -20.55 -20.45 1.85
CA LEU A 174 -19.72 -21.57 2.23
C LEU A 174 -20.11 -22.15 3.60
N GLU A 175 -20.26 -21.28 4.59
CA GLU A 175 -20.68 -21.70 5.94
C GLU A 175 -22.06 -22.34 5.92
N ALA A 176 -23.00 -21.69 5.26
CA ALA A 176 -24.38 -22.21 5.17
C ALA A 176 -24.40 -23.57 4.53
N MET A 177 -23.62 -23.75 3.46
CA MET A 177 -23.60 -25.01 2.74
C MET A 177 -22.98 -26.15 3.54
N LEU A 178 -21.90 -25.88 4.27
CA LEU A 178 -21.33 -26.89 5.17
C LEU A 178 -22.21 -27.17 6.39
N HIS A 179 -22.95 -26.17 6.83
CA HIS A 179 -23.88 -26.39 7.93
C HIS A 179 -25.05 -27.30 7.59
N ALA A 180 -25.38 -27.46 6.31
CA ALA A 180 -26.29 -28.52 5.89
C ALA A 180 -25.74 -29.91 6.25
N HIS A 181 -24.42 -30.06 6.21
CA HIS A 181 -23.78 -31.34 6.55
C HIS A 181 -23.42 -31.47 8.03
N PHE A 182 -23.05 -30.36 8.67
CA PHE A 182 -22.48 -30.37 10.03
C PHE A 182 -23.18 -29.32 10.87
N PRO A 183 -24.45 -29.58 11.24
CA PRO A 183 -25.39 -28.59 11.77
C PRO A 183 -24.87 -27.80 12.98
N ASP A 184 -24.27 -28.47 13.95
CA ASP A 184 -23.88 -27.76 15.18
C ASP A 184 -22.36 -27.61 15.31
N ILE A 185 -21.69 -27.40 14.18
CA ILE A 185 -20.24 -27.26 14.11
C ILE A 185 -19.98 -25.88 13.51
N PRO A 186 -19.31 -24.99 14.27
CA PRO A 186 -18.92 -23.67 13.76
C PRO A 186 -18.04 -23.81 12.51
N VAL A 187 -18.32 -23.02 11.47
CA VAL A 187 -17.45 -22.90 10.29
C VAL A 187 -16.94 -21.46 10.19
N TYR A 188 -15.63 -21.29 10.02
CA TYR A 188 -15.06 -19.94 9.86
C TYR A 188 -14.23 -19.86 8.61
N VAL A 189 -14.32 -18.72 7.92
CA VAL A 189 -13.67 -18.53 6.62
C VAL A 189 -12.83 -17.26 6.69
N ASP A 190 -11.62 -17.29 6.13
CA ASP A 190 -10.84 -16.06 5.99
C ASP A 190 -9.97 -16.23 4.74
N LYS A 191 -9.49 -15.10 4.25
CA LYS A 191 -8.53 -15.12 3.14
C LYS A 191 -7.29 -15.94 3.49
N ASN A 192 -6.84 -16.71 2.51
CA ASN A 192 -5.74 -17.64 2.67
C ASN A 192 -4.52 -17.05 3.40
N ILE A 193 -4.06 -15.89 2.96
CA ILE A 193 -2.84 -15.30 3.51
C ILE A 193 -3.10 -14.73 4.92
N ASN A 194 -4.31 -14.32 5.22
CA ASN A 194 -4.63 -13.96 6.58
C ASN A 194 -4.51 -15.16 7.51
N CYS A 195 -4.93 -16.34 7.05
CA CYS A 195 -4.80 -17.56 7.87
C CYS A 195 -3.33 -17.88 8.10
N TYR A 196 -2.51 -17.81 7.06
CA TYR A 196 -1.07 -18.02 7.22
C TYR A 196 -0.50 -17.06 8.23
N THR A 197 -0.90 -15.80 8.14
CA THR A 197 -0.39 -14.79 9.03
C THR A 197 -0.77 -15.06 10.50
N LEU A 198 -1.95 -15.63 10.76
CA LEU A 198 -2.30 -16.07 12.12
C LEU A 198 -1.28 -17.08 12.65
N ALA A 199 -0.89 -18.00 11.78
CA ALA A 199 0.13 -18.98 12.11
C ALA A 199 1.48 -18.32 12.41
N GLU A 200 1.88 -17.36 11.58
CA GLU A 200 3.10 -16.60 11.83
C GLU A 200 3.07 -15.89 13.19
N LEU A 201 1.90 -15.35 13.55
CA LEU A 201 1.76 -14.60 14.80
C LEU A 201 1.97 -15.51 16.03
N TRP A 202 1.46 -16.72 15.93
CA TRP A 202 1.39 -17.62 17.06
C TRP A 202 2.55 -18.59 17.14
N LEU A 203 3.07 -19.00 15.99
CA LEU A 203 4.09 -20.03 15.90
C LEU A 203 5.40 -19.54 15.28
N GLY A 204 5.41 -18.36 14.67
CA GLY A 204 6.48 -17.98 13.75
C GLY A 204 7.22 -16.68 14.08
N GLU A 205 7.84 -16.10 13.05
CA GLU A 205 8.69 -14.90 13.16
C GLU A 205 7.88 -13.63 13.33
N GLY A 206 6.56 -13.76 13.38
CA GLY A 206 5.68 -12.74 13.94
C GLY A 206 5.30 -12.97 15.40
N LYS A 207 6.09 -13.76 16.12
CA LYS A 207 5.97 -13.80 17.58
C LYS A 207 6.38 -12.46 18.17
N GLN A 208 7.58 -12.00 17.81
CA GLN A 208 8.18 -10.79 18.38
C GLN A 208 7.53 -9.51 17.86
N SER A 209 7.25 -9.47 16.56
CA SER A 209 6.93 -8.22 15.90
C SER A 209 5.49 -7.82 16.14
N ASN A 210 5.26 -6.51 16.19
CA ASN A 210 3.92 -5.96 16.28
C ASN A 210 3.44 -5.27 15.01
N ASN A 211 4.37 -4.90 14.11
CA ASN A 211 4.02 -4.27 12.84
C ASN A 211 4.85 -4.86 11.72
N PHE A 212 4.33 -5.88 11.06
CA PHE A 212 5.05 -6.52 9.95
C PHE A 212 4.09 -6.85 8.82
N ALA A 213 4.65 -7.10 7.65
CA ALA A 213 3.89 -7.51 6.50
C ALA A 213 4.28 -8.92 6.10
N THR A 214 3.30 -9.68 5.64
CA THR A 214 3.51 -11.05 5.14
C THR A 214 3.11 -11.04 3.65
N VAL A 215 4.01 -11.51 2.79
N VAL A 215 4.02 -11.47 2.77
CA VAL A 215 3.77 -11.58 1.36
CA VAL A 215 3.72 -11.57 1.35
C VAL A 215 3.92 -13.03 0.90
C VAL A 215 3.95 -12.99 0.85
N SER A 216 2.96 -13.53 0.16
CA SER A 216 3.02 -14.92 -0.33
C SER A 216 3.36 -14.96 -1.79
N VAL A 217 4.23 -15.92 -2.13
CA VAL A 217 4.68 -16.15 -3.49
C VAL A 217 4.30 -17.57 -3.89
N GLY A 218 3.82 -17.72 -5.13
CA GLY A 218 3.36 -19.00 -5.64
C GLY A 218 2.33 -18.75 -6.72
N ALA A 219 1.16 -19.39 -6.59
CA ALA A 219 0.15 -19.34 -7.65
C ALA A 219 -0.32 -17.91 -7.92
N GLY A 220 -0.56 -17.18 -6.83
CA GLY A 220 -0.81 -15.75 -6.88
C GLY A 220 0.11 -15.02 -5.94
N LEU A 221 -0.13 -13.73 -5.78
N LEU A 221 -0.22 -13.76 -5.69
CA LEU A 221 0.57 -12.92 -4.81
CA LEU A 221 0.57 -12.86 -4.86
C LEU A 221 -0.41 -12.37 -3.76
C LEU A 221 -0.33 -12.26 -3.75
N GLY A 222 -0.13 -12.69 -2.51
CA GLY A 222 -0.97 -12.28 -1.40
C GLY A 222 -0.23 -11.37 -0.44
N LEU A 223 -0.99 -10.63 0.34
CA LEU A 223 -0.47 -9.72 1.36
C LEU A 223 -1.36 -9.77 2.58
N SER A 224 -0.74 -9.82 3.75
CA SER A 224 -1.43 -9.55 5.00
C SER A 224 -0.55 -8.62 5.82
N VAL A 225 -1.13 -7.55 6.32
CA VAL A 225 -0.41 -6.60 7.18
C VAL A 225 -0.86 -6.69 8.63
N VAL A 226 0.11 -6.78 9.53
CA VAL A 226 -0.15 -6.80 10.97
C VAL A 226 0.21 -5.43 11.51
N ILE A 227 -0.72 -4.86 12.27
CA ILE A 227 -0.55 -3.56 12.90
C ILE A 227 -1.02 -3.80 14.32
N ASN A 228 -0.08 -3.83 15.28
CA ASN A 228 -0.35 -4.10 16.69
C ASN A 228 -0.71 -5.55 17.01
N ARG A 229 -0.01 -6.50 16.39
CA ARG A 229 -0.37 -7.92 16.49
C ARG A 229 -1.81 -8.22 16.05
N GLN A 230 -2.42 -7.31 15.30
CA GLN A 230 -3.76 -7.47 14.74
C GLN A 230 -3.65 -7.44 13.21
N ILE A 231 -4.23 -8.43 12.53
CA ILE A 231 -4.32 -8.32 11.07
C ILE A 231 -5.21 -7.10 10.69
N TYR A 232 -4.72 -6.29 9.77
CA TYR A 232 -5.52 -5.19 9.22
C TYR A 232 -6.46 -5.66 8.11
N TYR A 233 -7.77 -5.51 8.31
CA TYR A 233 -8.78 -6.03 7.36
C TYR A 233 -9.42 -4.94 6.49
N GLY A 234 -9.19 -3.69 6.87
CA GLY A 234 -9.80 -2.58 6.18
C GLY A 234 -11.27 -2.48 6.47
N ALA A 235 -11.97 -1.69 5.66
CA ALA A 235 -13.34 -1.30 5.96
C ALA A 235 -14.25 -2.50 6.02
N GLN A 236 -14.10 -3.41 5.07
CA GLN A 236 -15.00 -4.54 4.98
C GLN A 236 -14.29 -5.86 4.72
N GLY A 237 -13.08 -6.00 5.25
CA GLY A 237 -12.36 -7.26 5.23
C GLY A 237 -11.57 -7.53 3.98
N GLY A 238 -11.52 -6.56 3.08
CA GLY A 238 -10.92 -6.77 1.77
C GLY A 238 -9.46 -6.33 1.63
N ALA A 239 -8.91 -5.68 2.65
CA ALA A 239 -7.54 -5.19 2.58
C ALA A 239 -6.56 -6.28 2.14
N GLY A 240 -5.54 -5.86 1.43
CA GLY A 240 -4.42 -6.72 1.09
C GLY A 240 -4.51 -7.38 -0.27
N GLU A 241 -5.33 -6.86 -1.18
CA GLU A 241 -5.35 -7.37 -2.56
C GLU A 241 -4.25 -6.75 -3.38
N PHE A 242 -3.06 -6.91 -2.84
CA PHE A 242 -1.87 -6.35 -3.40
C PHE A 242 -1.49 -6.94 -4.75
N GLY A 243 -1.90 -8.19 -4.97
CA GLY A 243 -1.76 -8.83 -6.27
C GLY A 243 -2.45 -8.07 -7.39
N HIS A 244 -3.44 -7.27 -7.04
CA HIS A 244 -4.21 -6.51 -8.02
C HIS A 244 -3.96 -5.02 -7.93
N THR A 245 -2.78 -4.64 -7.42
CA THR A 245 -2.24 -3.34 -7.70
C THR A 245 -1.65 -3.34 -9.09
N THR A 246 -1.70 -2.21 -9.76
CA THR A 246 -1.18 -2.12 -11.13
C THR A 246 0.33 -1.89 -11.09
N ILE A 247 1.08 -2.81 -11.70
CA ILE A 247 2.54 -2.68 -11.83
C ILE A 247 2.95 -2.31 -13.27
N GLN A 248 2.07 -2.58 -14.23
CA GLN A 248 2.38 -2.24 -15.62
C GLN A 248 1.10 -1.79 -16.29
N PRO A 249 0.84 -0.49 -16.26
CA PRO A 249 -0.37 0.01 -16.91
C PRO A 249 -0.47 -0.46 -18.35
N GLY A 250 -1.63 -0.99 -18.70
CA GLY A 250 -1.84 -1.47 -20.05
C GLY A 250 -1.30 -2.86 -20.32
N GLY A 251 -0.82 -3.54 -19.29
CA GLY A 251 -0.20 -4.85 -19.42
C GLY A 251 -1.17 -6.01 -19.33
N TYR A 252 -0.67 -7.17 -18.87
CA TYR A 252 -1.40 -8.41 -19.05
C TYR A 252 -2.80 -8.33 -18.45
N LYS A 253 -3.78 -8.85 -19.17
CA LYS A 253 -5.13 -8.99 -18.66
C LYS A 253 -5.14 -9.94 -17.47
N CYS A 254 -5.72 -9.52 -16.34
CA CYS A 254 -5.82 -10.35 -15.14
C CYS A 254 -7.18 -11.05 -15.03
N HIS A 255 -7.23 -12.13 -14.25
CA HIS A 255 -8.49 -12.79 -13.89
C HIS A 255 -9.47 -11.87 -13.15
N CYS A 256 -8.95 -10.81 -12.52
CA CYS A 256 -9.80 -9.85 -11.83
C CYS A 256 -10.50 -8.85 -12.78
N GLY A 257 -10.18 -8.89 -14.07
CA GLY A 257 -10.75 -7.97 -15.04
C GLY A 257 -9.87 -6.77 -15.39
N GLN A 258 -8.90 -6.43 -14.51
N GLN A 258 -9.03 -6.34 -14.45
CA GLN A 258 -7.96 -5.28 -14.75
CA GLN A 258 -8.17 -5.23 -14.72
C GLN A 258 -6.83 -5.68 -15.72
C GLN A 258 -6.93 -5.77 -15.40
N LYS A 259 -6.07 -4.70 -16.22
N LYS A 259 -6.13 -4.84 -15.91
CA LYS A 259 -4.84 -5.01 -16.94
CA LYS A 259 -4.94 -5.16 -16.68
C LYS A 259 -3.66 -4.59 -16.09
C LYS A 259 -3.71 -4.69 -15.94
N GLY A 260 -2.59 -5.37 -16.14
CA GLY A 260 -1.33 -4.94 -15.59
C GLY A 260 -1.12 -5.19 -14.09
N CYS A 261 -1.95 -6.04 -13.51
CA CYS A 261 -1.83 -6.37 -12.11
C CYS A 261 -0.48 -7.02 -11.78
N LEU A 262 0.02 -6.68 -10.62
CA LEU A 262 1.28 -7.18 -10.10
C LEU A 262 1.34 -8.71 -10.16
N GLU A 263 0.22 -9.36 -9.85
CA GLU A 263 0.12 -10.82 -9.89
C GLU A 263 0.35 -11.41 -11.27
N MET A 264 0.13 -10.62 -12.31
CA MET A 264 0.38 -11.09 -13.67
C MET A 264 1.86 -11.13 -13.99
N TYR A 265 2.69 -10.52 -13.14
CA TYR A 265 4.14 -10.42 -13.34
C TYR A 265 4.96 -11.09 -12.24
N ALA A 266 4.42 -11.13 -11.01
CA ALA A 266 5.19 -11.50 -9.80
C ALA A 266 4.58 -12.74 -9.16
N SER A 267 4.12 -13.65 -10.00
CA SER A 267 3.65 -14.97 -9.59
C SER A 267 3.73 -15.93 -10.74
N GLU A 268 3.28 -17.16 -10.45
CA GLU A 268 3.13 -18.20 -11.45
C GLU A 268 2.43 -17.75 -12.73
N PHE A 269 1.44 -16.86 -12.61
CA PHE A 269 0.71 -16.39 -13.79
C PHE A 269 1.64 -15.81 -14.85
N TYR A 270 2.73 -15.18 -14.44
CA TYR A 270 3.67 -14.58 -15.40
C TYR A 270 4.25 -15.62 -16.35
N PHE A 271 4.47 -16.83 -15.83
CA PHE A 271 5.10 -17.88 -16.64
C PHE A 271 4.24 -18.21 -17.83
N ARG A 272 2.93 -18.29 -17.62
CA ARG A 272 2.02 -18.46 -18.75
C ARG A 272 1.88 -17.20 -19.61
N ASN A 273 1.68 -16.05 -18.97
CA ASN A 273 1.45 -14.81 -19.71
C ASN A 273 2.61 -14.54 -20.68
N ARG A 274 3.83 -14.60 -20.14
CA ARG A 274 5.03 -14.31 -20.92
C ARG A 274 5.52 -15.52 -21.73
N GLY A 275 5.41 -16.71 -21.13
CA GLY A 275 5.84 -17.95 -21.78
C GLY A 275 5.11 -18.22 -23.09
N GLU A 276 3.82 -17.88 -23.16
CA GLU A 276 3.07 -18.00 -24.41
C GLU A 276 3.60 -17.07 -25.48
N GLU A 277 4.02 -15.87 -25.09
CA GLU A 277 4.60 -14.92 -26.03
C GLU A 277 5.98 -15.33 -26.51
N LEU A 278 6.74 -16.08 -25.71
CA LEU A 278 8.11 -16.45 -26.06
C LEU A 278 8.26 -17.76 -26.84
N LYS A 279 7.19 -18.54 -26.95
CA LYS A 279 7.24 -19.84 -27.66
C LYS A 279 7.96 -19.76 -28.99
N GLU A 280 7.51 -18.82 -29.82
CA GLU A 280 8.00 -18.67 -31.19
C GLU A 280 9.47 -18.26 -31.23
N ALA A 281 9.94 -17.53 -30.22
CA ALA A 281 11.34 -17.16 -30.17
C ALA A 281 12.22 -18.29 -29.60
N TYR A 282 11.66 -19.18 -28.77
CA TYR A 282 12.44 -20.28 -28.17
C TYR A 282 11.91 -21.68 -28.54
N PRO A 283 12.02 -22.06 -29.83
CA PRO A 283 11.32 -23.28 -30.26
C PRO A 283 11.92 -24.60 -29.76
N THR A 284 13.15 -24.58 -29.21
CA THR A 284 13.69 -25.80 -28.59
C THR A 284 13.67 -25.80 -27.05
N SER A 285 12.98 -24.84 -26.41
CA SER A 285 12.77 -24.91 -24.96
C SER A 285 12.06 -26.21 -24.56
N GLU A 286 12.55 -26.86 -23.50
CA GLU A 286 11.84 -27.98 -22.81
C GLU A 286 10.44 -27.57 -22.36
N LEU A 287 10.36 -26.31 -21.93
CA LEU A 287 9.28 -25.86 -21.08
C LEU A 287 7.99 -25.61 -21.84
N ASN A 288 6.92 -26.32 -21.50
CA ASN A 288 5.56 -25.93 -21.94
C ASN A 288 4.43 -26.18 -20.93
N ASP A 289 4.80 -26.56 -19.71
CA ASP A 289 3.92 -26.58 -18.57
C ASP A 289 4.41 -25.46 -17.68
N PHE A 290 3.58 -24.45 -17.50
CA PHE A 290 4.01 -23.23 -16.83
C PHE A 290 3.68 -23.21 -15.33
N HIS A 291 3.54 -24.37 -14.72
CA HIS A 291 3.48 -24.44 -13.26
C HIS A 291 4.84 -24.09 -12.67
N PHE A 292 4.80 -23.45 -11.50
CA PHE A 292 6.00 -22.99 -10.80
C PHE A 292 7.12 -24.07 -10.76
N ASP A 293 6.77 -25.29 -10.37
N ASP A 293 6.77 -25.30 -10.39
CA ASP A 293 7.76 -26.39 -10.24
CA ASP A 293 7.77 -26.36 -10.22
C ASP A 293 8.44 -26.69 -11.56
C ASP A 293 8.42 -26.79 -11.54
N LYS A 294 7.65 -26.77 -12.63
CA LYS A 294 8.18 -27.12 -13.94
C LYS A 294 9.10 -26.03 -14.48
N VAL A 295 8.73 -24.76 -14.27
CA VAL A 295 9.53 -23.63 -14.71
C VAL A 295 10.87 -23.57 -13.95
N ALA A 296 10.82 -23.83 -12.64
CA ALA A 296 12.02 -23.85 -11.80
C ALA A 296 12.96 -24.97 -12.20
N LYS A 297 12.38 -26.15 -12.44
CA LYS A 297 13.16 -27.29 -12.92
C LYS A 297 13.93 -26.94 -14.19
N SER A 298 13.23 -26.38 -15.17
CA SER A 298 13.87 -26.04 -16.44
C SER A 298 14.91 -24.95 -16.27
N ALA A 299 14.62 -23.96 -15.42
CA ALA A 299 15.57 -22.87 -15.18
C ALA A 299 16.89 -23.39 -14.61
N ARG A 300 16.79 -24.22 -13.57
CA ARG A 300 17.97 -24.95 -13.05
C ARG A 300 18.66 -25.81 -14.09
N ALA A 301 17.91 -26.44 -15.00
CA ALA A 301 18.54 -27.20 -16.10
C ALA A 301 19.24 -26.30 -17.14
N GLY A 302 19.12 -24.97 -17.01
CA GLY A 302 19.76 -24.03 -17.91
C GLY A 302 18.93 -23.73 -19.15
N ASP A 303 17.63 -24.03 -19.13
CA ASP A 303 16.77 -23.67 -20.26
C ASP A 303 16.68 -22.15 -20.39
N GLU A 304 16.96 -21.61 -21.56
CA GLU A 304 17.00 -20.16 -21.75
C GLU A 304 15.66 -19.47 -21.49
N MET A 305 14.57 -20.01 -22.05
CA MET A 305 13.27 -19.41 -21.81
C MET A 305 12.90 -19.46 -20.31
N ALA A 306 13.09 -20.60 -19.67
CA ALA A 306 12.72 -20.75 -18.26
C ALA A 306 13.50 -19.80 -17.38
N THR A 307 14.78 -19.58 -17.66
N THR A 307 14.79 -19.61 -17.70
CA THR A 307 15.57 -18.68 -16.82
CA THR A 307 15.65 -18.70 -16.96
C THR A 307 15.18 -17.21 -17.04
C THR A 307 15.14 -17.27 -17.06
N GLU A 308 14.72 -16.89 -18.26
CA GLU A 308 14.21 -15.55 -18.53
C GLU A 308 12.88 -15.31 -17.79
N LEU A 309 12.01 -16.30 -17.80
CA LEU A 309 10.76 -16.21 -17.08
C LEU A 309 11.00 -16.07 -15.58
N MET A 310 11.83 -16.93 -15.01
CA MET A 310 12.09 -16.94 -13.57
C MET A 310 12.80 -15.65 -13.14
N GLY A 311 13.77 -15.18 -13.94
CA GLY A 311 14.49 -13.93 -13.69
C GLY A 311 13.59 -12.70 -13.62
N LYS A 312 12.69 -12.58 -14.60
CA LYS A 312 11.81 -11.44 -14.67
C LYS A 312 10.76 -11.48 -13.54
N MET A 313 10.24 -12.68 -13.25
CA MET A 313 9.26 -12.82 -12.19
C MET A 313 9.85 -12.33 -10.86
N GLY A 314 11.08 -12.73 -10.59
CA GLY A 314 11.79 -12.26 -9.40
C GLY A 314 11.97 -10.74 -9.33
N GLU A 315 12.24 -10.12 -10.47
N GLU A 315 12.26 -10.13 -10.48
CA GLU A 315 12.34 -8.66 -10.55
CA GLU A 315 12.36 -8.68 -10.58
C GLU A 315 11.05 -7.97 -10.16
C GLU A 315 11.05 -7.99 -10.15
N TYR A 316 9.94 -8.45 -10.71
CA TYR A 316 8.64 -7.90 -10.42
C TYR A 316 8.21 -8.14 -8.98
N LEU A 317 8.54 -9.31 -8.45
CA LEU A 317 8.32 -9.55 -7.05
C LEU A 317 9.13 -8.58 -6.17
N GLY A 318 10.33 -8.27 -6.62
CA GLY A 318 11.17 -7.28 -5.97
C GLY A 318 10.52 -5.91 -5.96
N TYR A 319 9.98 -5.49 -7.11
CA TYR A 319 9.21 -4.23 -7.13
C TYR A 319 8.03 -4.24 -6.16
N GLY A 320 7.30 -5.35 -6.15
CA GLY A 320 6.15 -5.50 -5.29
C GLY A 320 6.52 -5.33 -3.82
N ILE A 321 7.58 -6.01 -3.40
CA ILE A 321 8.05 -5.92 -2.02
C ILE A 321 8.60 -4.52 -1.68
N ARG A 322 9.30 -3.91 -2.62
CA ARG A 322 9.67 -2.52 -2.46
C ARG A 322 8.45 -1.61 -2.25
N ASN A 323 7.40 -1.87 -3.00
CA ASN A 323 6.19 -1.08 -2.88
C ASN A 323 5.57 -1.23 -1.52
N ILE A 324 5.54 -2.47 -1.02
CA ILE A 324 5.04 -2.77 0.31
C ILE A 324 5.84 -2.02 1.37
N ILE A 325 7.15 -2.04 1.24
CA ILE A 325 8.01 -1.32 2.18
C ILE A 325 7.74 0.17 2.19
N ASN A 326 7.74 0.79 1.01
CA ASN A 326 7.55 2.26 0.92
C ASN A 326 6.16 2.70 1.38
N THR A 327 5.18 1.84 1.18
CA THR A 327 3.82 2.10 1.57
C THR A 327 3.62 1.95 3.08
N PHE A 328 4.03 0.81 3.62
CA PHE A 328 3.71 0.45 5.01
C PHE A 328 4.79 0.75 6.04
N ASN A 329 6.05 0.91 5.61
CA ASN A 329 7.19 1.02 6.57
C ASN A 329 7.07 -0.06 7.65
N PRO A 330 6.94 -1.33 7.21
CA PRO A 330 6.83 -2.41 8.17
C PRO A 330 8.12 -2.60 8.92
N GLU A 331 8.06 -3.19 10.11
CA GLU A 331 9.29 -3.54 10.85
C GLU A 331 10.09 -4.58 10.08
N LYS A 332 9.39 -5.49 9.43
CA LYS A 332 10.02 -6.46 8.57
C LYS A 332 9.01 -6.99 7.56
N VAL A 333 9.51 -7.60 6.50
CA VAL A 333 8.68 -8.30 5.53
C VAL A 333 8.99 -9.79 5.63
N ILE A 334 7.94 -10.60 5.79
CA ILE A 334 8.11 -12.04 5.86
C ILE A 334 7.54 -12.63 4.59
N ILE A 335 8.38 -13.27 3.81
CA ILE A 335 7.94 -13.96 2.60
C ILE A 335 7.54 -15.40 2.93
N VAL A 336 6.38 -15.80 2.42
CA VAL A 336 5.81 -17.11 2.66
C VAL A 336 5.35 -17.66 1.32
N GLY A 337 4.98 -18.94 1.30
CA GLY A 337 4.26 -19.50 0.18
C GLY A 337 4.98 -20.62 -0.54
N GLU A 338 4.24 -21.31 -1.40
CA GLU A 338 4.75 -22.48 -2.06
C GLU A 338 5.85 -22.17 -3.05
N GLY A 339 5.90 -20.94 -3.53
CA GLY A 339 6.98 -20.52 -4.39
C GLY A 339 8.35 -20.59 -3.75
N LEU A 340 8.40 -20.58 -2.43
CA LEU A 340 9.68 -20.67 -1.70
C LEU A 340 10.37 -22.03 -1.82
N HIS A 341 9.69 -23.05 -2.34
CA HIS A 341 10.39 -24.28 -2.71
C HIS A 341 11.48 -24.01 -3.73
N HIS A 342 11.39 -22.90 -4.45
CA HIS A 342 12.34 -22.53 -5.49
C HIS A 342 13.00 -21.17 -5.16
N ARG A 343 13.15 -20.88 -3.87
CA ARG A 343 13.65 -19.59 -3.42
C ARG A 343 15.05 -19.28 -3.95
N ASP A 344 15.87 -20.33 -4.10
CA ASP A 344 17.19 -20.21 -4.70
C ASP A 344 17.20 -19.48 -6.04
N LEU A 345 16.07 -19.46 -6.75
CA LEU A 345 16.02 -18.83 -8.05
C LEU A 345 15.51 -17.39 -8.06
N PHE A 346 15.04 -16.85 -6.92
CA PHE A 346 14.54 -15.47 -6.93
C PHE A 346 14.78 -14.59 -5.69
N LEU A 347 15.17 -15.18 -4.56
CA LEU A 347 15.32 -14.38 -3.34
C LEU A 347 16.36 -13.28 -3.48
N THR A 348 17.48 -13.59 -4.16
CA THR A 348 18.55 -12.62 -4.33
C THR A 348 18.07 -11.46 -5.17
N LYS A 349 17.32 -11.76 -6.21
CA LYS A 349 16.75 -10.73 -7.05
C LYS A 349 15.80 -9.83 -6.26
N ILE A 350 14.94 -10.44 -5.44
CA ILE A 350 14.06 -9.67 -4.56
C ILE A 350 14.86 -8.71 -3.67
N ASP A 351 15.90 -9.23 -3.03
CA ASP A 351 16.72 -8.43 -2.11
C ASP A 351 17.39 -7.28 -2.83
N GLU A 352 17.90 -7.54 -4.03
CA GLU A 352 18.58 -6.49 -4.77
C GLU A 352 17.68 -5.30 -5.00
N ILE A 353 16.46 -5.57 -5.43
CA ILE A 353 15.51 -4.52 -5.79
C ILE A 353 14.88 -3.89 -4.56
N ALA A 354 14.38 -4.74 -3.66
CA ALA A 354 13.57 -4.25 -2.56
C ALA A 354 14.38 -3.55 -1.48
N SER A 355 15.67 -3.84 -1.42
CA SER A 355 16.51 -3.14 -0.45
C SER A 355 16.92 -1.74 -0.91
N GLN A 356 16.57 -1.36 -2.13
CA GLN A 356 16.70 0.04 -2.57
C GLN A 356 15.36 0.69 -2.41
N ASN A 357 15.07 1.21 -1.22
CA ASN A 357 13.75 1.74 -0.94
C ASN A 357 13.89 3.08 -0.27
N PHE A 358 12.77 3.72 0.04
CA PHE A 358 12.84 5.11 0.46
C PHE A 358 13.67 5.30 1.76
N PHE A 359 13.57 4.34 2.67
CA PHE A 359 14.16 4.46 4.00
C PHE A 359 15.62 4.02 4.02
N SER A 360 15.96 3.07 3.15
CA SER A 360 17.33 2.60 3.04
C SER A 360 18.19 3.67 2.36
N GLY A 361 17.58 4.54 1.56
CA GLY A 361 18.28 5.68 0.99
C GLY A 361 18.84 6.60 2.07
N ALA A 362 18.26 6.53 3.26
CA ALA A 362 18.74 7.24 4.43
C ALA A 362 19.53 6.36 5.39
N GLY A 363 19.79 5.12 5.01
CA GLY A 363 20.55 4.19 5.84
C GLY A 363 19.76 3.32 6.80
N PHE A 364 18.43 3.32 6.71
CA PHE A 364 17.59 2.48 7.56
C PHE A 364 17.08 1.28 6.76
N GLU A 365 17.65 0.11 7.02
CA GLU A 365 17.31 -1.09 6.26
C GLU A 365 16.05 -1.71 6.82
N THR A 366 15.24 -2.31 5.94
CA THR A 366 14.11 -3.12 6.36
C THR A 366 14.44 -4.59 6.11
N GLU A 367 14.34 -5.41 7.15
CA GLU A 367 14.58 -6.84 7.05
C GLU A 367 13.55 -7.52 6.16
N ILE A 368 14.04 -8.30 5.21
CA ILE A 368 13.20 -9.12 4.36
C ILE A 368 13.63 -10.54 4.58
N THR A 369 12.75 -11.33 5.17
CA THR A 369 13.13 -12.67 5.60
C THR A 369 12.12 -13.69 5.14
N THR A 370 12.53 -14.94 5.04
CA THR A 370 11.62 -16.00 4.69
C THR A 370 11.08 -16.62 5.97
N THR A 371 9.83 -17.06 5.93
CA THR A 371 9.24 -17.76 7.06
C THR A 371 10.04 -19.02 7.39
N SER A 372 10.05 -19.37 8.66
CA SER A 372 10.63 -20.65 9.07
C SER A 372 9.50 -21.68 9.20
N LEU A 373 8.27 -21.29 8.93
CA LEU A 373 7.16 -22.24 8.86
C LEU A 373 7.14 -22.87 7.46
N GLU A 374 6.34 -23.90 7.28
CA GLU A 374 6.32 -24.62 6.00
C GLU A 374 4.93 -24.54 5.38
N ASP A 375 4.72 -25.28 4.29
CA ASP A 375 3.39 -25.27 3.66
C ASP A 375 2.21 -25.60 4.60
N PRO A 376 2.39 -26.51 5.59
CA PRO A 376 1.21 -26.80 6.39
C PRO A 376 0.73 -25.65 7.27
N ALA A 377 1.52 -24.59 7.43
CA ALA A 377 1.05 -23.47 8.22
C ALA A 377 -0.19 -22.75 7.64
N TRP A 378 -0.48 -22.91 6.33
CA TRP A 378 -1.73 -22.37 5.80
C TRP A 378 -2.89 -23.04 6.55
N LEU A 379 -2.75 -24.34 6.76
CA LEU A 379 -3.77 -25.14 7.44
C LEU A 379 -3.74 -24.89 8.96
N GLN A 380 -2.56 -24.79 9.53
CA GLN A 380 -2.49 -24.46 10.96
C GLN A 380 -3.15 -23.12 11.26
N GLY A 381 -2.96 -22.16 10.37
CA GLY A 381 -3.58 -20.86 10.49
C GLY A 381 -5.08 -20.86 10.38
N ALA A 382 -5.60 -21.65 9.44
CA ALA A 382 -7.03 -21.83 9.31
C ALA A 382 -7.64 -22.49 10.54
N ALA A 383 -6.89 -23.37 11.18
CA ALA A 383 -7.32 -23.96 12.45
C ALA A 383 -7.37 -22.93 13.58
N LEU A 384 -6.32 -22.09 13.65
CA LEU A 384 -6.25 -21.01 14.64
C LEU A 384 -7.41 -20.03 14.53
N LEU A 385 -7.90 -19.87 13.30
CA LEU A 385 -9.14 -19.16 13.03
C LEU A 385 -10.28 -19.66 13.94
N VAL A 386 -10.47 -20.97 14.01
CA VAL A 386 -11.47 -21.57 14.91
C VAL A 386 -11.08 -21.42 16.39
N ILE A 387 -9.83 -21.72 16.70
CA ILE A 387 -9.35 -21.82 18.08
C ILE A 387 -9.50 -20.46 18.81
N HIS A 388 -9.15 -19.37 18.12
CA HIS A 388 -9.32 -18.01 18.67
C HIS A 388 -10.77 -17.60 18.80
N GLN A 389 -11.63 -18.15 17.96
CA GLN A 389 -13.06 -17.98 18.14
C GLN A 389 -13.59 -18.68 19.40
N LEU A 390 -12.90 -19.73 19.84
CA LEU A 390 -13.31 -20.44 21.04
C LEU A 390 -12.81 -19.70 22.28
N PHE A 391 -11.50 -19.51 22.39
CA PHE A 391 -10.92 -18.73 23.49
C PHE A 391 -10.63 -17.30 23.01
N GLY B 83 -4.44 31.96 24.13
CA GLY B 83 -3.22 31.21 23.65
C GLY B 83 -3.15 31.04 22.15
N PHE B 84 -1.93 30.85 21.63
CA PHE B 84 -1.80 30.63 20.21
C PHE B 84 -0.65 29.70 19.82
N VAL B 85 -0.69 29.23 18.58
N VAL B 85 -0.64 29.37 18.54
CA VAL B 85 0.40 28.44 18.02
CA VAL B 85 0.28 28.41 17.95
C VAL B 85 0.74 29.01 16.65
C VAL B 85 0.72 29.01 16.63
N VAL B 86 1.97 28.75 16.22
CA VAL B 86 2.42 29.15 14.90
C VAL B 86 2.70 27.87 14.14
N SER B 87 2.19 27.79 12.93
CA SER B 87 2.44 26.64 12.09
C SER B 87 3.18 27.04 10.83
N VAL B 88 3.92 26.06 10.30
CA VAL B 88 4.80 26.26 9.17
C VAL B 88 4.58 25.09 8.20
N LYS B 89 4.55 25.38 6.90
CA LYS B 89 4.64 24.36 5.85
C LYS B 89 5.83 24.66 4.97
N VAL B 90 6.76 23.70 4.96
CA VAL B 90 7.96 23.84 4.16
C VAL B 90 7.69 23.16 2.82
N GLU B 91 7.41 23.96 1.81
CA GLU B 91 7.30 23.50 0.43
C GLU B 91 8.66 23.61 -0.23
N GLU B 92 8.75 23.29 -1.51
CA GLU B 92 10.02 23.28 -2.18
C GLU B 92 10.43 24.65 -2.68
N GLU B 93 9.47 25.51 -2.99
CA GLU B 93 9.73 26.85 -3.54
C GLU B 93 9.17 28.00 -2.67
N GLN B 94 8.58 27.67 -1.53
CA GLN B 94 8.10 28.69 -0.58
C GLN B 94 7.94 28.10 0.83
N LEU B 95 8.02 28.99 1.82
CA LEU B 95 7.72 28.63 3.20
C LEU B 95 6.43 29.35 3.56
N LEU B 96 5.47 28.59 4.09
CA LEU B 96 4.20 29.14 4.47
C LEU B 96 4.09 29.17 6.01
N PHE B 97 3.43 30.21 6.53
CA PHE B 97 3.28 30.40 7.97
C PHE B 97 1.84 30.78 8.32
N ALA B 98 1.41 30.36 9.50
CA ALA B 98 0.16 30.80 10.06
C ALA B 98 0.25 30.97 11.56
N LEU B 99 -0.50 31.95 12.07
CA LEU B 99 -0.79 32.06 13.49
C LEU B 99 -2.18 31.53 13.65
N THR B 100 -2.39 30.84 14.75
N THR B 100 -2.35 30.51 14.49
CA THR B 100 -3.51 29.97 14.92
CA THR B 100 -3.71 30.07 14.85
C THR B 100 -3.98 30.08 16.39
C THR B 100 -4.01 30.23 16.33
N ASP B 101 -5.29 30.14 16.62
CA ASP B 101 -5.77 30.03 17.98
C ASP B 101 -5.77 28.54 18.34
N LEU B 102 -6.29 28.18 19.49
CA LEU B 102 -6.22 26.78 19.90
C LEU B 102 -7.34 25.91 19.31
N ASN B 103 -8.18 26.46 18.43
CA ASN B 103 -9.06 25.65 17.56
C ASN B 103 -8.49 25.47 16.15
N ALA B 104 -7.24 25.86 15.95
CA ALA B 104 -6.64 25.82 14.64
C ALA B 104 -7.29 26.80 13.64
N GLU B 105 -7.92 27.85 14.16
CA GLU B 105 -8.46 28.87 13.27
C GLU B 105 -7.34 29.84 12.92
N ILE B 106 -7.14 30.08 11.63
CA ILE B 106 -6.04 30.95 11.18
C ILE B 106 -6.36 32.42 11.48
N ILE B 107 -5.45 33.06 12.20
CA ILE B 107 -5.57 34.48 12.58
C ILE B 107 -4.71 35.35 11.67
N GLU B 108 -3.49 34.89 11.40
CA GLU B 108 -2.53 35.59 10.51
C GLU B 108 -1.91 34.55 9.58
N ASN B 109 -1.39 35.02 8.45
CA ASN B 109 -0.59 34.15 7.59
C ASN B 109 0.36 34.94 6.69
N THR B 110 1.32 34.23 6.13
CA THR B 110 2.27 34.80 5.21
C THR B 110 3.01 33.66 4.53
N SER B 111 3.68 34.00 3.45
CA SER B 111 4.41 33.05 2.63
C SER B 111 5.63 33.78 2.15
N ILE B 112 6.78 33.13 2.22
CA ILE B 112 7.97 33.70 1.65
C ILE B 112 8.43 32.78 0.52
N PRO B 113 8.59 33.36 -0.69
CA PRO B 113 9.12 32.58 -1.78
C PRO B 113 10.57 32.34 -1.53
N PHE B 114 10.92 31.10 -1.27
CA PHE B 114 12.27 30.74 -1.00
C PHE B 114 12.44 29.28 -1.34
N SER B 115 13.44 28.97 -2.17
CA SER B 115 13.70 27.58 -2.51
C SER B 115 14.71 27.03 -1.51
N SER B 116 14.19 26.23 -0.57
CA SER B 116 14.98 25.60 0.51
C SER B 116 15.82 24.41 0.03
N GLU B 117 15.61 24.03 -1.24
CA GLU B 117 16.46 23.08 -1.94
C GLU B 117 17.93 23.26 -1.54
N LYS B 118 18.41 22.32 -0.71
CA LYS B 118 19.79 22.28 -0.20
C LYS B 118 20.23 23.53 0.59
N LYS B 119 19.30 24.16 1.31
CA LYS B 119 19.64 25.34 2.13
C LYS B 119 18.92 25.34 3.48
N PRO B 120 19.16 24.30 4.31
CA PRO B 120 18.43 24.19 5.57
C PRO B 120 18.73 25.30 6.57
N GLU B 121 19.99 25.70 6.66
CA GLU B 121 20.37 26.73 7.63
C GLU B 121 19.63 28.03 7.33
N GLU B 122 19.60 28.40 6.06
CA GLU B 122 18.94 29.63 5.65
C GLU B 122 17.43 29.52 5.87
N ALA B 123 16.87 28.34 5.61
CA ALA B 123 15.45 28.09 5.88
C ALA B 123 15.09 28.29 7.34
N ILE B 124 15.93 27.78 8.25
CA ILE B 124 15.67 27.93 9.68
C ILE B 124 15.69 29.40 10.11
N GLU B 125 16.64 30.17 9.59
CA GLU B 125 16.68 31.59 9.93
C GLU B 125 15.39 32.25 9.44
N LEU B 126 14.91 31.86 8.25
CA LEU B 126 13.66 32.44 7.72
C LEU B 126 12.48 32.01 8.53
N ILE B 127 12.47 30.74 8.95
CA ILE B 127 11.41 30.26 9.83
C ILE B 127 11.39 31.01 11.14
N ALA B 128 12.56 31.20 11.74
CA ALA B 128 12.65 31.91 13.02
C ALA B 128 12.13 33.34 12.85
N LYS B 129 12.56 34.00 11.78
CA LYS B 129 12.13 35.37 11.53
C LYS B 129 10.61 35.47 11.41
N ASN B 130 10.04 34.55 10.66
CA ASN B 130 8.62 34.63 10.38
C ASN B 130 7.72 34.10 11.46
N VAL B 131 8.22 33.19 12.28
CA VAL B 131 7.53 32.85 13.53
C VAL B 131 7.34 34.11 14.39
N LYS B 132 8.42 34.87 14.57
CA LYS B 132 8.32 36.12 15.28
C LYS B 132 7.34 37.08 14.63
N LYS B 133 7.40 37.19 13.30
CA LYS B 133 6.49 38.08 12.58
C LYS B 133 5.04 37.68 12.82
N MET B 134 4.76 36.39 12.78
CA MET B 134 3.39 35.93 13.02
C MET B 134 2.89 36.36 14.39
N CYS B 135 3.77 36.33 15.39
CA CYS B 135 3.38 36.70 16.76
C CYS B 135 3.08 38.18 16.90
N GLY B 136 3.72 39.01 16.07
CA GLY B 136 3.42 40.43 16.02
C GLY B 136 3.78 41.06 17.34
N ASN B 137 2.85 41.83 17.88
CA ASN B 137 3.06 42.48 19.17
C ASN B 137 2.60 41.64 20.36
N ARG B 138 2.32 40.35 20.15
CA ARG B 138 1.73 39.53 21.20
C ARG B 138 2.76 39.14 22.25
N ASP B 139 2.27 38.96 23.48
CA ASP B 139 3.03 38.33 24.56
C ASP B 139 3.55 36.98 24.06
N MET B 140 4.85 36.91 23.81
CA MET B 140 5.50 35.68 23.36
C MET B 140 5.36 34.53 24.35
N ASN B 141 5.10 34.86 25.60
CA ASN B 141 4.77 33.86 26.63
C ASN B 141 3.53 33.03 26.32
N HIS B 142 2.62 33.58 25.51
CA HIS B 142 1.37 32.91 25.15
C HIS B 142 1.53 32.04 23.91
N LEU B 143 2.70 32.04 23.29
CA LEU B 143 2.96 31.13 22.17
C LEU B 143 3.19 29.75 22.74
N LEU B 144 2.29 28.83 22.44
CA LEU B 144 2.31 27.52 23.05
C LEU B 144 3.19 26.52 22.31
N GLY B 145 3.45 26.78 21.03
CA GLY B 145 4.33 25.92 20.29
C GLY B 145 4.30 26.19 18.82
N VAL B 146 5.19 25.52 18.10
CA VAL B 146 5.32 25.68 16.68
C VAL B 146 5.17 24.28 16.07
N GLY B 147 4.34 24.18 15.03
CA GLY B 147 4.16 22.96 14.29
C GLY B 147 4.67 23.12 12.88
N ILE B 148 5.35 22.09 12.38
CA ILE B 148 5.99 22.15 11.07
C ILE B 148 5.63 20.94 10.22
N ALA B 149 5.00 21.23 9.10
CA ALA B 149 4.70 20.26 8.07
C ALA B 149 5.79 20.28 7.01
N ILE B 150 6.30 19.10 6.65
CA ILE B 150 7.41 19.02 5.73
C ILE B 150 7.38 17.72 4.94
N SER B 151 8.02 17.72 3.78
CA SER B 151 8.15 16.51 2.96
C SER B 151 9.15 15.54 3.57
N GLY B 152 8.91 14.25 3.33
CA GLY B 152 9.92 13.21 3.50
C GLY B 152 9.75 12.42 4.80
N LEU B 153 10.80 11.68 5.12
CA LEU B 153 10.89 10.88 6.33
C LEU B 153 11.33 11.77 7.48
N VAL B 154 10.46 11.86 8.49
CA VAL B 154 10.68 12.67 9.67
C VAL B 154 10.80 11.73 10.86
N ASN B 155 11.70 12.05 11.77
CA ASN B 155 11.68 11.45 13.12
C ASN B 155 10.88 12.36 14.01
N ARG B 156 9.62 12.01 14.23
CA ARG B 156 8.67 12.93 14.83
C ARG B 156 8.89 13.11 16.35
N LYS B 157 9.63 12.18 16.98
CA LYS B 157 10.06 12.36 18.36
C LYS B 157 11.17 13.40 18.56
N LYS B 158 12.23 13.34 17.74
CA LYS B 158 13.32 14.32 17.83
C LYS B 158 13.13 15.57 16.95
N GLY B 159 12.10 15.56 16.11
CA GLY B 159 11.91 16.65 15.14
C GLY B 159 13.03 16.79 14.11
N THR B 160 13.55 15.67 13.61
CA THR B 160 14.56 15.72 12.56
C THR B 160 13.94 15.38 11.22
N VAL B 161 14.49 15.96 10.17
CA VAL B 161 14.18 15.53 8.82
C VAL B 161 15.28 14.57 8.42
N ILE B 162 14.94 13.30 8.43
CA ILE B 162 15.90 12.26 8.15
C ILE B 162 16.24 12.30 6.66
N ARG B 163 15.20 12.30 5.83
CA ARG B 163 15.42 12.32 4.41
C ARG B 163 14.23 12.96 3.73
N SER B 164 14.46 14.13 3.15
CA SER B 164 13.55 14.71 2.17
C SER B 164 14.25 14.83 0.84
N THR B 165 13.91 13.96 -0.09
CA THR B 165 14.47 14.06 -1.42
C THR B 165 13.77 15.18 -2.22
N MET B 166 12.58 15.60 -1.80
CA MET B 166 11.95 16.80 -2.37
C MET B 166 12.81 18.04 -2.17
N LEU B 167 13.43 18.11 -0.99
CA LEU B 167 14.23 19.26 -0.60
C LEU B 167 15.73 19.05 -0.75
N GLY B 168 16.16 17.81 -0.91
CA GLY B 168 17.58 17.51 -0.83
C GLY B 168 18.16 17.68 0.55
N TRP B 169 17.35 17.44 1.58
CA TRP B 169 17.79 17.54 2.97
C TRP B 169 18.05 16.15 3.49
N GLU B 170 19.09 16.00 4.29
CA GLU B 170 19.37 14.74 4.97
C GLU B 170 19.85 15.03 6.39
N ASN B 171 19.24 14.35 7.36
CA ASN B 171 19.50 14.54 8.79
C ASN B 171 19.59 15.98 9.23
N VAL B 172 18.57 16.76 8.91
CA VAL B 172 18.48 18.14 9.32
C VAL B 172 17.77 18.15 10.67
N ALA B 173 18.47 18.68 11.67
CA ALA B 173 17.99 18.67 13.05
C ALA B 173 17.13 19.91 13.21
N LEU B 174 15.97 19.86 12.56
CA LEU B 174 15.13 21.03 12.37
C LEU B 174 14.64 21.59 13.71
N GLU B 175 14.14 20.70 14.55
CA GLU B 175 13.65 21.10 15.86
C GLU B 175 14.74 21.67 16.77
N ALA B 176 15.89 21.01 16.81
CA ALA B 176 17.01 21.52 17.63
C ALA B 176 17.50 22.89 17.14
N MET B 177 17.63 23.05 15.83
CA MET B 177 18.05 24.34 15.26
C MET B 177 17.06 25.44 15.61
N LEU B 178 15.78 25.13 15.56
N LEU B 178 15.77 25.13 15.57
CA LEU B 178 14.75 26.09 15.96
CA LEU B 178 14.74 26.08 15.96
C LEU B 178 14.75 26.37 17.47
C LEU B 178 14.72 26.37 17.46
N HIS B 179 14.98 25.36 18.27
CA HIS B 179 15.04 25.55 19.74
C HIS B 179 16.20 26.47 20.12
N ALA B 180 17.26 26.49 19.32
CA ALA B 180 18.30 27.48 19.51
C ALA B 180 17.74 28.91 19.48
N HIS B 181 16.75 29.16 18.63
CA HIS B 181 16.08 30.47 18.59
C HIS B 181 15.00 30.60 19.65
N PHE B 182 14.29 29.53 19.93
CA PHE B 182 13.12 29.55 20.83
C PHE B 182 13.27 28.42 21.84
N PRO B 183 14.23 28.54 22.76
CA PRO B 183 14.58 27.38 23.58
C PRO B 183 13.47 26.96 24.54
N ASP B 184 12.50 27.82 24.79
CA ASP B 184 11.47 27.53 25.78
C ASP B 184 10.08 27.32 25.21
N ILE B 185 9.95 26.99 23.93
CA ILE B 185 8.66 26.51 23.46
C ILE B 185 8.71 25.25 22.61
N PRO B 186 7.71 24.38 22.77
CA PRO B 186 7.61 23.13 22.02
C PRO B 186 7.64 23.36 20.51
N VAL B 187 8.37 22.50 19.79
CA VAL B 187 8.39 22.48 18.33
C VAL B 187 8.07 21.04 17.94
N TYR B 188 7.08 20.84 17.08
CA TYR B 188 6.74 19.52 16.59
C TYR B 188 6.83 19.50 15.07
N VAL B 189 7.25 18.36 14.54
CA VAL B 189 7.46 18.19 13.13
C VAL B 189 6.73 16.91 12.69
N ASP B 190 6.06 16.96 11.55
CA ASP B 190 5.49 15.74 10.95
C ASP B 190 5.42 15.90 9.47
N LYS B 191 5.23 14.79 8.78
CA LYS B 191 5.12 14.82 7.33
C LYS B 191 3.91 15.63 6.91
N ASN B 192 4.09 16.40 5.86
CA ASN B 192 3.06 17.28 5.37
C ASN B 192 1.67 16.69 5.28
N ILE B 193 1.54 15.54 4.61
CA ILE B 193 0.20 14.97 4.39
C ILE B 193 -0.43 14.40 5.67
N ASN B 194 0.42 13.97 6.60
CA ASN B 194 -0.03 13.65 7.95
C ASN B 194 -0.64 14.87 8.64
N CYS B 195 -0.01 16.02 8.52
CA CYS B 195 -0.60 17.25 9.05
C CYS B 195 -1.96 17.58 8.41
N TYR B 196 -2.05 17.48 7.08
CA TYR B 196 -3.31 17.72 6.40
C TYR B 196 -4.37 16.76 6.92
N THR B 197 -3.96 15.53 7.18
CA THR B 197 -4.91 14.52 7.57
C THR B 197 -5.41 14.78 8.99
N LEU B 198 -4.58 15.37 9.84
CA LEU B 198 -5.08 15.83 11.14
C LEU B 198 -6.20 16.85 10.94
N ALA B 199 -6.02 17.78 10.01
CA ALA B 199 -7.08 18.73 9.71
C ALA B 199 -8.35 18.03 9.18
N GLU B 200 -8.19 17.00 8.34
CA GLU B 200 -9.37 16.22 7.92
C GLU B 200 -10.06 15.54 9.09
N LEU B 201 -9.28 15.03 10.03
CA LEU B 201 -9.83 14.32 11.18
C LEU B 201 -10.63 15.23 12.09
N TRP B 202 -10.16 16.46 12.27
CA TRP B 202 -10.76 17.39 13.20
C TRP B 202 -11.76 18.32 12.54
N LEU B 203 -11.53 18.67 11.28
CA LEU B 203 -12.29 19.72 10.60
C LEU B 203 -13.02 19.28 9.33
N GLY B 204 -12.72 18.09 8.80
CA GLY B 204 -13.13 17.77 7.44
C GLY B 204 -13.97 16.51 7.27
N GLU B 205 -13.73 15.79 6.17
CA GLU B 205 -14.51 14.62 5.77
C GLU B 205 -13.98 13.36 6.44
N GLY B 206 -12.96 13.54 7.25
CA GLY B 206 -12.45 12.47 8.06
C GLY B 206 -13.04 12.46 9.45
N LYS B 207 -13.74 13.52 9.83
CA LYS B 207 -14.27 13.58 11.20
C LYS B 207 -15.26 12.47 11.46
N GLN B 208 -15.98 12.05 10.41
CA GLN B 208 -17.05 11.06 10.50
C GLN B 208 -16.67 9.66 10.05
N SER B 209 -15.38 9.39 9.88
CA SER B 209 -14.89 8.07 9.45
C SER B 209 -13.75 7.59 10.33
N ASN B 210 -13.44 6.31 10.23
CA ASN B 210 -12.48 5.68 11.13
C ASN B 210 -11.36 4.96 10.41
N ASN B 211 -11.61 4.48 9.19
CA ASN B 211 -10.56 3.97 8.32
C ASN B 211 -10.68 4.59 6.93
N PHE B 212 -9.84 5.59 6.64
CA PHE B 212 -9.86 6.28 5.35
C PHE B 212 -8.48 6.65 4.92
N ALA B 213 -8.34 6.91 3.64
CA ALA B 213 -7.07 7.24 3.07
C ALA B 213 -7.15 8.64 2.49
N THR B 214 -6.09 9.40 2.69
CA THR B 214 -5.98 10.74 2.17
C THR B 214 -4.84 10.75 1.15
N VAL B 215 -5.11 11.27 -0.04
CA VAL B 215 -4.11 11.29 -1.11
C VAL B 215 -3.97 12.72 -1.62
N SER B 216 -2.74 13.23 -1.62
CA SER B 216 -2.50 14.61 -2.10
C SER B 216 -1.95 14.69 -3.52
N VAL B 217 -2.51 15.61 -4.31
CA VAL B 217 -2.09 15.85 -5.68
C VAL B 217 -1.54 17.29 -5.81
N GLY B 218 -0.41 17.42 -6.48
CA GLY B 218 0.21 18.71 -6.73
C GLY B 218 1.68 18.47 -7.05
N ALA B 219 2.55 19.06 -6.24
CA ALA B 219 3.99 19.04 -6.53
C ALA B 219 4.53 17.59 -6.49
N GLY B 220 4.08 16.84 -5.50
CA GLY B 220 4.33 15.41 -5.40
C GLY B 220 3.03 14.70 -5.10
N LEU B 221 3.15 13.43 -4.71
N LEU B 221 3.13 13.41 -4.78
CA LEU B 221 1.98 12.57 -4.44
CA LEU B 221 1.96 12.61 -4.43
C LEU B 221 2.17 12.03 -3.03
C LEU B 221 2.14 12.02 -3.04
N GLY B 222 1.30 12.46 -2.11
CA GLY B 222 1.34 12.03 -0.71
C GLY B 222 0.19 11.11 -0.32
N LEU B 223 0.43 10.29 0.68
CA LEU B 223 -0.58 9.39 1.25
C LEU B 223 -0.51 9.43 2.76
N SER B 224 -1.67 9.51 3.41
CA SER B 224 -1.80 9.23 4.82
C SER B 224 -3.00 8.30 5.01
N VAL B 225 -2.84 7.24 5.78
CA VAL B 225 -3.93 6.32 6.04
C VAL B 225 -4.30 6.35 7.51
N VAL B 226 -5.61 6.49 7.75
CA VAL B 226 -6.15 6.51 9.06
C VAL B 226 -6.78 5.16 9.32
N ILE B 227 -6.39 4.55 10.43
CA ILE B 227 -6.92 3.25 10.88
C ILE B 227 -7.37 3.46 12.33
N ASN B 228 -8.69 3.42 12.55
CA ASN B 228 -9.32 3.65 13.84
C ASN B 228 -9.15 5.07 14.40
N ARG B 229 -9.35 6.04 13.53
CA ARG B 229 -9.15 7.46 13.83
C ARG B 229 -7.71 7.79 14.22
N GLN B 230 -6.76 6.92 13.92
CA GLN B 230 -5.34 7.21 14.13
C GLN B 230 -4.56 7.12 12.83
N ILE B 231 -3.68 8.08 12.62
CA ILE B 231 -2.74 8.02 11.48
C ILE B 231 -1.81 6.83 11.66
N TYR B 232 -1.69 6.05 10.60
CA TYR B 232 -0.80 4.88 10.61
C TYR B 232 0.60 5.35 10.21
N TYR B 233 1.57 5.21 11.11
CA TYR B 233 2.95 5.69 10.88
C TYR B 233 3.96 4.60 10.48
N GLY B 234 3.60 3.33 10.69
CA GLY B 234 4.51 2.22 10.50
C GLY B 234 5.62 2.20 11.54
N ALA B 235 6.73 1.56 11.20
CA ALA B 235 7.77 1.24 12.20
C ALA B 235 8.51 2.46 12.73
N GLN B 236 8.85 3.38 11.83
CA GLN B 236 9.66 4.53 12.18
C GLN B 236 9.06 5.83 11.69
N GLY B 237 7.76 5.84 11.42
CA GLY B 237 7.12 7.06 10.95
C GLY B 237 7.14 7.26 9.46
N GLY B 238 7.63 6.26 8.73
CA GLY B 238 7.85 6.36 7.29
C GLY B 238 6.68 5.94 6.41
N ALA B 239 5.64 5.34 7.01
CA ALA B 239 4.50 4.87 6.23
C ALA B 239 3.98 5.94 5.29
N GLY B 240 3.48 5.52 4.15
CA GLY B 240 2.82 6.45 3.23
C GLY B 240 3.67 7.09 2.15
N GLU B 241 4.87 6.56 1.89
CA GLU B 241 5.65 7.08 0.74
C GLU B 241 5.17 6.45 -0.56
N PHE B 242 3.86 6.58 -0.77
CA PHE B 242 3.18 5.97 -1.90
C PHE B 242 3.58 6.59 -3.23
N GLY B 243 4.04 7.83 -3.17
CA GLY B 243 4.63 8.46 -4.33
C GLY B 243 5.80 7.70 -4.87
N HIS B 244 6.43 6.90 -4.01
CA HIS B 244 7.63 6.14 -4.38
C HIS B 244 7.39 4.66 -4.46
N THR B 245 6.13 4.29 -4.74
CA THR B 245 5.86 2.97 -5.28
C THR B 245 6.14 3.01 -6.79
N THR B 246 6.54 1.88 -7.34
CA THR B 246 6.85 1.78 -8.79
C THR B 246 5.56 1.55 -9.56
N ILE B 247 5.20 2.48 -10.44
CA ILE B 247 4.09 2.35 -11.37
C ILE B 247 4.53 1.98 -12.78
N GLN B 248 5.78 2.21 -13.09
CA GLN B 248 6.27 1.91 -14.42
C GLN B 248 7.70 1.45 -14.30
N PRO B 249 7.92 0.13 -14.19
CA PRO B 249 9.27 -0.38 -14.05
C PRO B 249 10.13 0.12 -15.20
N GLY B 250 11.36 0.54 -14.91
CA GLY B 250 12.25 1.04 -15.97
C GLY B 250 11.99 2.50 -16.38
N GLY B 251 11.01 3.13 -15.74
CA GLY B 251 10.56 4.48 -16.06
C GLY B 251 11.42 5.64 -15.57
N TYR B 252 10.84 6.84 -15.56
CA TYR B 252 11.56 8.08 -15.22
C TYR B 252 12.29 7.98 -13.89
N LYS B 253 13.53 8.44 -13.91
CA LYS B 253 14.31 8.57 -12.71
C LYS B 253 13.66 9.57 -11.74
N CYS B 254 13.49 9.16 -10.48
CA CYS B 254 12.86 9.98 -9.45
C CYS B 254 13.94 10.68 -8.62
N HIS B 255 13.57 11.78 -7.98
CA HIS B 255 14.44 12.41 -7.00
C HIS B 255 14.80 11.51 -5.83
N CYS B 256 14.02 10.46 -5.57
CA CYS B 256 14.37 9.52 -4.49
C CYS B 256 15.44 8.51 -4.86
N GLY B 257 15.81 8.48 -6.16
CA GLY B 257 16.85 7.58 -6.66
C GLY B 257 16.30 6.36 -7.39
N GLN B 258 15.06 5.97 -7.10
CA GLN B 258 14.42 4.88 -7.82
C GLN B 258 14.00 5.34 -9.23
N LYS B 259 13.68 4.36 -10.10
CA LYS B 259 13.11 4.60 -11.39
C LYS B 259 11.65 4.18 -11.37
N GLY B 260 10.81 4.98 -12.01
CA GLY B 260 9.47 4.55 -12.30
C GLY B 260 8.48 4.81 -11.19
N CYS B 261 8.82 5.69 -10.28
CA CYS B 261 7.92 6.04 -9.18
C CYS B 261 6.62 6.64 -9.66
N LEU B 262 5.57 6.35 -8.93
CA LEU B 262 4.23 6.87 -9.22
C LEU B 262 4.25 8.42 -9.29
N GLU B 263 4.99 9.06 -8.40
CA GLU B 263 5.14 10.53 -8.40
C GLU B 263 5.70 11.10 -9.71
N MET B 264 6.47 10.31 -10.43
CA MET B 264 7.02 10.76 -11.70
C MET B 264 5.97 10.77 -12.81
N TYR B 265 4.78 10.23 -12.52
CA TYR B 265 3.69 10.11 -13.46
C TYR B 265 2.38 10.73 -13.00
N ALA B 266 2.19 10.87 -11.69
CA ALA B 266 0.90 11.24 -11.11
C ALA B 266 1.05 12.49 -10.26
N SER B 267 1.96 13.36 -10.67
CA SER B 267 2.12 14.69 -10.08
C SER B 267 2.68 15.66 -11.13
N GLU B 268 2.95 16.88 -10.66
CA GLU B 268 3.63 17.91 -11.42
C GLU B 268 4.92 17.42 -12.10
N PHE B 269 5.64 16.50 -11.48
CA PHE B 269 6.89 16.01 -12.07
C PHE B 269 6.69 15.40 -13.45
N TYR B 270 5.54 14.80 -13.69
CA TYR B 270 5.26 14.19 -14.99
C TYR B 270 5.32 15.23 -16.11
N PHE B 271 4.87 16.44 -15.83
CA PHE B 271 4.82 17.46 -16.87
C PHE B 271 6.21 17.74 -17.42
N ARG B 272 7.21 17.89 -16.55
CA ARG B 272 8.61 18.01 -17.02
C ARG B 272 9.12 16.71 -17.68
N ASN B 273 8.93 15.58 -16.98
CA ASN B 273 9.44 14.31 -17.48
C ASN B 273 8.96 14.03 -18.89
N ARG B 274 7.65 14.07 -19.09
CA ARG B 274 7.05 13.73 -20.38
C ARG B 274 7.10 14.93 -21.35
N GLY B 275 6.93 16.13 -20.84
CA GLY B 275 6.91 17.33 -21.67
C GLY B 275 8.18 17.52 -22.47
N GLU B 276 9.31 17.27 -21.83
CA GLU B 276 10.60 17.28 -22.51
C GLU B 276 10.65 16.29 -23.70
N GLU B 277 10.06 15.12 -23.52
CA GLU B 277 10.00 14.12 -24.58
C GLU B 277 9.02 14.49 -25.70
N LEU B 278 8.04 15.34 -25.42
CA LEU B 278 7.01 15.67 -26.40
C LEU B 278 7.30 16.94 -27.23
N LYS B 279 8.39 17.65 -26.91
CA LYS B 279 8.74 18.90 -27.62
C LYS B 279 8.74 18.76 -29.14
N GLU B 280 9.36 17.71 -29.64
CA GLU B 280 9.47 17.50 -31.08
C GLU B 280 8.12 17.14 -31.71
N ALA B 281 7.27 16.46 -30.96
CA ALA B 281 5.95 16.05 -31.44
C ALA B 281 4.95 17.20 -31.48
N TYR B 282 5.18 18.21 -30.65
CA TYR B 282 4.34 19.41 -30.66
C TYR B 282 5.21 20.67 -30.72
N PRO B 283 5.59 21.07 -31.94
CA PRO B 283 5.98 22.44 -32.14
C PRO B 283 4.75 23.21 -32.63
N LEU B 287 4.09 26.30 -24.31
CA LEU B 287 4.34 25.71 -22.98
C LEU B 287 5.83 25.42 -22.80
N ASN B 288 6.49 26.20 -21.94
CA ASN B 288 7.86 25.89 -21.49
C ASN B 288 8.04 25.87 -19.97
N ASP B 289 6.99 26.22 -19.22
CA ASP B 289 7.03 26.22 -17.76
C ASP B 289 6.14 25.07 -17.34
N PHE B 290 6.72 24.06 -16.72
CA PHE B 290 5.98 22.83 -16.40
C PHE B 290 5.37 22.79 -15.01
N HIS B 291 5.23 23.95 -14.36
CA HIS B 291 4.50 24.02 -13.11
C HIS B 291 3.04 23.72 -13.33
N PHE B 292 2.39 23.17 -12.31
CA PHE B 292 1.03 22.68 -12.42
C PHE B 292 0.10 23.75 -12.99
N ASP B 293 0.18 24.97 -12.44
CA ASP B 293 -0.66 26.10 -12.85
C ASP B 293 -0.49 26.45 -14.32
N LYS B 294 0.77 26.48 -14.75
CA LYS B 294 1.09 26.83 -16.14
C LYS B 294 0.59 25.79 -17.15
N VAL B 295 0.74 24.51 -16.82
CA VAL B 295 0.29 23.42 -17.71
C VAL B 295 -1.24 23.41 -17.77
N ALA B 296 -1.89 23.66 -16.63
CA ALA B 296 -3.35 23.74 -16.56
C ALA B 296 -3.88 24.84 -17.46
N LYS B 297 -3.26 26.01 -17.36
CA LYS B 297 -3.63 27.16 -18.17
C LYS B 297 -3.58 26.80 -19.67
N SER B 298 -2.46 26.25 -20.12
CA SER B 298 -2.29 25.85 -21.51
C SER B 298 -3.27 24.75 -21.97
N ALA B 299 -3.57 23.81 -21.07
CA ALA B 299 -4.53 22.74 -21.36
C ALA B 299 -5.93 23.28 -21.55
N ARG B 300 -6.33 24.23 -20.72
CA ARG B 300 -7.64 24.85 -20.87
C ARG B 300 -7.69 25.67 -22.16
N ALA B 301 -6.60 26.38 -22.47
CA ALA B 301 -6.46 27.15 -23.71
C ALA B 301 -6.42 26.28 -24.99
N GLY B 302 -6.37 24.97 -24.82
CA GLY B 302 -6.45 24.04 -25.95
C GLY B 302 -5.10 23.57 -26.50
N ASP B 303 -4.01 23.86 -25.78
CA ASP B 303 -2.71 23.39 -26.24
C ASP B 303 -2.67 21.87 -26.22
N GLU B 304 -2.38 21.28 -27.37
CA GLU B 304 -2.41 19.83 -27.53
C GLU B 304 -1.48 19.12 -26.53
N MET B 305 -0.22 19.55 -26.45
CA MET B 305 0.73 18.95 -25.53
C MET B 305 0.25 19.00 -24.07
N ALA B 306 -0.21 20.16 -23.62
CA ALA B 306 -0.61 20.34 -22.21
C ALA B 306 -1.83 19.47 -21.90
N THR B 307 -2.74 19.40 -22.88
CA THR B 307 -3.89 18.51 -22.76
C THR B 307 -3.49 17.04 -22.62
N GLU B 308 -2.55 16.60 -23.44
CA GLU B 308 -2.03 15.23 -23.40
C GLU B 308 -1.33 14.97 -22.05
N LEU B 309 -0.54 15.92 -21.58
CA LEU B 309 0.15 15.78 -20.29
C LEU B 309 -0.85 15.61 -19.14
N MET B 310 -1.83 16.49 -19.11
CA MET B 310 -2.80 16.54 -18.03
C MET B 310 -3.73 15.29 -18.00
N GLY B 311 -4.18 14.85 -19.16
CA GLY B 311 -4.99 13.63 -19.26
C GLY B 311 -4.23 12.41 -18.73
N LYS B 312 -2.99 12.25 -19.15
CA LYS B 312 -2.22 11.07 -18.77
C LYS B 312 -1.86 11.11 -17.29
N MET B 313 -1.54 12.30 -16.78
CA MET B 313 -1.27 12.43 -15.36
C MET B 313 -2.48 11.95 -14.56
N GLY B 314 -3.67 12.39 -14.96
CA GLY B 314 -4.91 11.91 -14.33
C GLY B 314 -5.11 10.39 -14.38
N GLU B 315 -4.78 9.78 -15.52
CA GLU B 315 -4.81 8.32 -15.66
C GLU B 315 -3.90 7.64 -14.64
N TYR B 316 -2.67 8.13 -14.53
CA TYR B 316 -1.72 7.55 -13.58
C TYR B 316 -2.16 7.74 -12.13
N LEU B 317 -2.72 8.91 -11.83
CA LEU B 317 -3.26 9.16 -10.52
C LEU B 317 -4.45 8.20 -10.25
N GLY B 318 -5.25 7.96 -11.27
CA GLY B 318 -6.26 6.90 -11.21
C GLY B 318 -5.74 5.54 -10.80
N TYR B 319 -4.68 5.07 -11.48
CA TYR B 319 -4.04 3.80 -11.13
C TYR B 319 -3.52 3.83 -9.71
N GLY B 320 -2.93 4.96 -9.31
CA GLY B 320 -2.45 5.08 -7.95
C GLY B 320 -3.56 4.92 -6.92
N ILE B 321 -4.68 5.56 -7.17
CA ILE B 321 -5.81 5.48 -6.24
C ILE B 321 -6.46 4.08 -6.26
N ARG B 322 -6.52 3.48 -7.44
CA ARG B 322 -6.89 2.07 -7.53
C ARG B 322 -6.02 1.23 -6.64
N ASN B 323 -4.71 1.44 -6.68
CA ASN B 323 -3.82 0.65 -5.86
C ASN B 323 -4.04 0.87 -4.38
N ILE B 324 -4.26 2.13 -3.99
CA ILE B 324 -4.60 2.45 -2.60
C ILE B 324 -5.85 1.66 -2.17
N ILE B 325 -6.87 1.67 -3.01
CA ILE B 325 -8.11 0.98 -2.67
C ILE B 325 -7.92 -0.53 -2.50
N ASN B 326 -7.28 -1.17 -3.47
CA ASN B 326 -7.05 -2.62 -3.42
C ASN B 326 -6.15 -3.03 -2.30
N THR B 327 -5.22 -2.16 -1.93
CA THR B 327 -4.31 -2.44 -0.81
C THR B 327 -4.95 -2.24 0.58
N PHE B 328 -5.58 -1.11 0.80
CA PHE B 328 -6.10 -0.74 2.12
C PHE B 328 -7.58 -1.01 2.36
N ASN B 329 -8.36 -1.21 1.28
CA ASN B 329 -9.85 -1.25 1.41
C ASN B 329 -10.33 -0.15 2.37
N PRO B 330 -9.97 1.11 2.08
CA PRO B 330 -10.44 2.18 2.95
C PRO B 330 -11.93 2.38 2.84
N GLU B 331 -12.54 2.96 3.87
CA GLU B 331 -13.96 3.34 3.80
C GLU B 331 -14.19 4.32 2.66
N LYS B 332 -13.25 5.24 2.52
CA LYS B 332 -13.28 6.24 1.47
C LYS B 332 -11.88 6.72 1.16
N VAL B 333 -11.73 7.35 0.01
CA VAL B 333 -10.51 8.06 -0.36
C VAL B 333 -10.82 9.54 -0.46
N ILE B 334 -10.04 10.34 0.25
N ILE B 334 -10.08 10.36 0.27
CA ILE B 334 -10.14 11.80 0.22
CA ILE B 334 -10.22 11.82 0.18
C ILE B 334 -8.97 12.35 -0.58
C ILE B 334 -9.01 12.40 -0.55
N ILE B 335 -9.26 13.01 -1.69
CA ILE B 335 -8.22 13.63 -2.49
C ILE B 335 -8.08 15.08 -2.01
N VAL B 336 -6.84 15.49 -1.80
CA VAL B 336 -6.49 16.81 -1.30
C VAL B 336 -5.36 17.37 -2.13
N GLY B 337 -5.00 18.63 -1.88
CA GLY B 337 -3.80 19.21 -2.47
C GLY B 337 -4.00 20.35 -3.47
N GLU B 338 -2.90 21.03 -3.75
CA GLU B 338 -2.95 22.26 -4.55
C GLU B 338 -3.28 21.94 -6.00
N GLY B 339 -3.03 20.69 -6.41
CA GLY B 339 -3.43 20.22 -7.74
C GLY B 339 -4.91 20.33 -8.00
N LEU B 340 -5.72 20.33 -6.94
CA LEU B 340 -7.18 20.45 -7.06
C LEU B 340 -7.67 21.80 -7.55
N HIS B 341 -6.81 22.81 -7.53
CA HIS B 341 -7.14 24.04 -8.21
C HIS B 341 -7.50 23.82 -9.66
N HIS B 342 -6.99 22.74 -10.26
CA HIS B 342 -7.24 22.41 -11.65
C HIS B 342 -7.94 21.06 -11.80
N ARG B 343 -8.77 20.72 -10.83
CA ARG B 343 -9.40 19.40 -10.76
C ARG B 343 -10.22 19.04 -12.00
N ASP B 344 -10.84 20.04 -12.63
CA ASP B 344 -11.68 19.78 -13.81
C ASP B 344 -10.91 19.17 -14.98
N LEU B 345 -9.57 19.25 -14.94
CA LEU B 345 -8.75 18.69 -15.99
C LEU B 345 -8.30 17.24 -15.79
N PHE B 346 -8.59 16.63 -14.64
CA PHE B 346 -8.10 15.26 -14.36
C PHE B 346 -8.99 14.41 -13.46
N LEU B 347 -9.95 15.00 -12.78
CA LEU B 347 -10.72 14.28 -11.79
C LEU B 347 -11.63 13.17 -12.37
N THR B 348 -12.22 13.42 -13.53
CA THR B 348 -12.99 12.39 -14.22
C THR B 348 -12.11 11.20 -14.67
N LYS B 349 -10.85 11.46 -15.02
CA LYS B 349 -9.93 10.37 -15.41
C LYS B 349 -9.61 9.49 -14.21
N ILE B 350 -9.45 10.12 -13.05
CA ILE B 350 -9.27 9.36 -11.80
C ILE B 350 -10.43 8.41 -11.56
N ASP B 351 -11.65 8.95 -11.63
CA ASP B 351 -12.84 8.17 -11.32
C ASP B 351 -13.01 7.00 -12.30
N GLU B 352 -12.77 7.24 -13.59
CA GLU B 352 -12.89 6.19 -14.59
C GLU B 352 -12.01 5.00 -14.24
N ILE B 353 -10.76 5.27 -13.88
CA ILE B 353 -9.80 4.19 -13.60
C ILE B 353 -9.98 3.60 -12.20
N ALA B 354 -10.02 4.49 -11.20
CA ALA B 354 -9.99 4.05 -9.80
C ALA B 354 -11.30 3.38 -9.37
N SER B 355 -12.39 3.69 -10.05
CA SER B 355 -13.68 3.07 -9.75
C SER B 355 -13.76 1.59 -10.19
N GLN B 356 -12.80 1.16 -11.01
CA GLN B 356 -12.66 -0.25 -11.41
C GLN B 356 -11.60 -0.89 -10.51
N ASN B 357 -12.07 -1.51 -9.46
CA ASN B 357 -11.16 -2.04 -8.46
C ASN B 357 -11.68 -3.38 -7.97
N PHE B 358 -10.96 -4.00 -7.04
CA PHE B 358 -11.24 -5.39 -6.74
C PHE B 358 -12.64 -5.56 -6.12
N PHE B 359 -13.06 -4.58 -5.33
CA PHE B 359 -14.31 -4.68 -4.57
C PHE B 359 -15.49 -4.20 -5.37
N SER B 360 -15.27 -3.20 -6.25
CA SER B 360 -16.34 -2.71 -7.13
C SER B 360 -16.72 -3.79 -8.13
N GLY B 361 -15.78 -4.65 -8.49
CA GLY B 361 -16.10 -5.85 -9.26
C GLY B 361 -17.19 -6.72 -8.62
N ALA B 362 -17.28 -6.71 -7.29
CA ALA B 362 -18.33 -7.45 -6.56
C ALA B 362 -19.49 -6.55 -6.14
N GLY B 363 -19.57 -5.36 -6.73
CA GLY B 363 -20.66 -4.42 -6.48
C GLY B 363 -20.50 -3.52 -5.26
N PHE B 364 -19.33 -3.51 -4.65
CA PHE B 364 -19.09 -2.64 -3.50
C PHE B 364 -18.24 -1.45 -3.93
N GLU B 365 -18.86 -0.29 -4.01
CA GLU B 365 -18.18 0.92 -4.47
C GLU B 365 -17.41 1.55 -3.31
N THR B 366 -16.24 2.07 -3.58
CA THR B 366 -15.52 2.87 -2.61
C THR B 366 -15.65 4.33 -3.00
N GLU B 367 -16.13 5.17 -2.10
CA GLU B 367 -16.30 6.61 -2.41
C GLU B 367 -14.94 7.26 -2.61
N ILE B 368 -14.78 7.99 -3.71
CA ILE B 368 -13.60 8.82 -3.94
C ILE B 368 -14.08 10.26 -4.03
N THR B 369 -13.72 11.09 -3.06
CA THR B 369 -14.20 12.45 -3.08
C THR B 369 -13.08 13.44 -2.81
N THR B 370 -13.32 14.68 -3.18
CA THR B 370 -12.35 15.73 -2.95
C THR B 370 -12.69 16.38 -1.62
N THR B 371 -11.67 16.83 -0.91
CA THR B 371 -11.85 17.51 0.35
C THR B 371 -12.63 18.83 0.18
N SER B 372 -13.37 19.19 1.22
CA SER B 372 -14.02 20.48 1.30
C SER B 372 -13.10 21.49 1.96
N LEU B 373 -11.97 21.03 2.52
CA LEU B 373 -11.01 21.97 3.10
C LEU B 373 -10.22 22.55 1.92
N GLU B 374 -9.42 23.55 2.18
CA GLU B 374 -8.71 24.26 1.12
C GLU B 374 -7.23 24.27 1.47
N ASP B 375 -6.42 25.00 0.69
CA ASP B 375 -4.98 24.98 0.90
C ASP B 375 -4.57 25.32 2.34
N PRO B 376 -5.29 26.24 3.02
CA PRO B 376 -4.81 26.60 4.37
C PRO B 376 -4.87 25.46 5.40
N ALA B 377 -5.61 24.40 5.10
CA ALA B 377 -5.63 23.22 5.99
C ALA B 377 -4.29 22.51 6.20
N TRP B 378 -3.30 22.69 5.31
CA TRP B 378 -1.96 22.18 5.60
C TRP B 378 -1.43 22.88 6.85
N LEU B 379 -1.65 24.20 6.93
CA LEU B 379 -1.23 24.99 8.09
C LEU B 379 -2.07 24.74 9.35
N GLN B 380 -3.37 24.57 9.17
CA GLN B 380 -4.25 24.22 10.28
C GLN B 380 -3.89 22.85 10.84
N GLY B 381 -3.54 21.92 9.96
CA GLY B 381 -3.08 20.60 10.39
C GLY B 381 -1.80 20.64 11.20
N ALA B 382 -0.83 21.43 10.73
CA ALA B 382 0.41 21.60 11.45
C ALA B 382 0.20 22.29 12.81
N ALA B 383 -0.84 23.11 12.93
CA ALA B 383 -1.21 23.68 14.22
C ALA B 383 -1.86 22.63 15.14
N LEU B 384 -2.76 21.83 14.59
CA LEU B 384 -3.35 20.72 15.32
C LEU B 384 -2.28 19.74 15.81
N LEU B 385 -1.22 19.56 15.01
CA LEU B 385 -0.11 18.73 15.42
C LEU B 385 0.41 19.16 16.79
N VAL B 386 0.56 20.47 17.00
CA VAL B 386 1.02 20.99 18.28
C VAL B 386 -0.06 20.83 19.35
N ILE B 387 -1.28 21.25 19.00
CA ILE B 387 -2.35 21.41 19.98
C ILE B 387 -2.68 20.08 20.59
N HIS B 388 -2.78 19.05 19.75
CA HIS B 388 -3.18 17.74 20.21
C HIS B 388 -2.02 16.89 20.71
N GLN B 389 -0.81 17.44 20.69
CA GLN B 389 0.27 16.90 21.49
C GLN B 389 0.48 17.65 22.80
N LEU B 390 0.06 18.90 22.88
CA LEU B 390 0.11 19.63 24.15
C LEU B 390 -0.99 19.22 25.14
N PHE B 391 -2.21 19.03 24.66
CA PHE B 391 -3.36 18.83 25.55
C PHE B 391 -3.80 17.37 25.53
C1 GLC C . -4.99 -13.71 -5.36
C2 GLC C . -6.25 -13.52 -4.52
C3 GLC C . -5.88 -13.16 -3.09
C4 GLC C . -4.95 -14.21 -2.51
C5 GLC C . -3.73 -14.32 -3.42
C6 GLC C . -2.70 -15.30 -2.91
O1 GLC C . -4.34 -12.44 -5.47
O2 GLC C . -7.05 -12.46 -5.06
O3 GLC C . -7.10 -13.02 -2.33
O4 GLC C . -4.50 -13.87 -1.18
O5 GLC C . -4.13 -14.67 -4.73
O6 GLC C . -3.25 -16.63 -2.89
C1 GLC C . -2.78 -17.44 -3.98
C2 GLC C . -3.40 -18.84 -3.89
C3 GLC C . -2.86 -19.60 -2.69
C4 GLC C . -1.34 -19.61 -2.75
C5 GLC C . -0.81 -18.19 -2.86
C6 GLC C . 0.71 -18.10 -2.93
O2 GLC C . -4.82 -18.73 -3.81
O3 GLC C . -3.41 -20.94 -2.64
O4 GLC C . -0.79 -20.22 -1.57
O5 GLC C . -1.37 -17.55 -4.02
O6 GLC C . 1.14 -16.72 -2.95
C1 GLC D . 6.90 13.32 -1.77
C2 GLC D . 7.48 13.14 -0.36
C3 GLC D . 6.36 12.83 0.64
C4 GLC D . 5.28 13.89 0.56
C5 GLC D . 4.78 13.99 -0.88
C6 GLC D . 3.65 15.01 -1.02
O1 GLC D . 6.39 12.06 -2.22
O2 GLC D . 8.46 12.11 -0.38
O3 GLC D . 6.91 12.77 1.96
O4 GLC D . 4.20 13.57 1.46
O5 GLC D . 5.89 14.31 -1.74
O6 GLC D . 4.08 16.35 -0.70
C1 GLC D . 4.34 17.15 -1.87
C2 GLC D . 4.83 18.53 -1.41
C3 GLC D . 3.72 19.30 -0.71
C4 GLC D . 2.50 19.35 -1.61
C5 GLC D . 2.09 17.92 -2.01
C6 GLC D . 0.87 17.87 -2.92
O2 GLC D . 6.00 18.41 -0.59
O3 GLC D . 4.15 20.64 -0.38
O4 GLC D . 1.42 20.02 -0.96
O5 GLC D . 3.18 17.31 -2.69
O6 GLC D . 0.53 16.50 -3.19
ZN ZN E . -5.87 -8.39 -11.05
CL CL F . 14.65 1.31 -9.49
P PO4 G . -7.30 -1.16 -16.91
O1 PO4 G . -6.06 -0.53 -17.50
O2 PO4 G . -8.21 -0.05 -16.45
O3 PO4 G . -6.97 -2.08 -15.77
O4 PO4 G . -7.99 -1.97 -17.99
ZN ZN H . 10.66 8.08 -6.01
C1 PEG I . -15.68 0.37 1.29
O1 PEG I . -16.98 0.54 1.88
C2 PEG I . -15.75 -0.74 0.24
O2 PEG I . -15.66 -2.02 0.86
C3 PEG I . -15.46 -3.04 -0.12
C4 PEG I . -15.58 -4.46 0.43
O4 PEG I . -16.91 -4.77 0.90
#